data_8Q1X
#
_entry.id   8Q1X
#
_cell.length_a   60.535
_cell.length_b   115.452
_cell.length_c   101.335
_cell.angle_alpha   90.00
_cell.angle_beta   106.62
_cell.angle_gamma   90.00
#
_symmetry.space_group_name_H-M   'P 1 21 1'
#
loop_
_entity.id
_entity.type
_entity.pdbx_description
1 polymer "5'-3' exonuclease PLD3"
2 branched alpha-D-mannopyranose-(1-6)-alpha-D-mannopyranose-(1-6)-[alpha-D-mannopyranose-(1-3)]alpha-D-mannopyranose-(1-4)-2-acetamido-2-deoxy-beta-D-glucopyranose-(1-4)-2-acetamido-2-deoxy-beta-D-glucopyranose
3 branched 2-acetamido-2-deoxy-beta-D-glucopyranose-(1-4)-2-acetamido-2-deoxy-beta-D-glucopyranose
4 non-polymer "THYMIDINE-5'-THIOPHOSPHATE"
5 non-polymer 'PHOSPHATE ION'
6 non-polymer 1,2-ETHANEDIOL
7 non-polymer 'MANGANESE (II) ION'
8 non-polymer 'SULFATE ION'
9 non-polymer 'MAGNESIUM ION'
10 water water
#
_entity_poly.entity_id   1
_entity_poly.type   'polypeptide(L)'
_entity_poly.pdbx_seq_one_letter_code
;EYGDLHLFGPNQRPAPCYDPCEAVLVESIPEGLDFPNASTGNPSTSQAWLGLLAGAHSSLDIASFYWTLTNNDTHTQEPS
AQQGEEVLRQLQTLAPKGVNVRIAVSKPSGPQPQADLQALLQSGAQVRMVDMQKLTHGVLHTKFWVVDQTHFYLGSANMD
WRSLTQVKELGVVMYNCSCLARDLTKIFEAYWFLGQAGSSIPSTWPRFYDTRYNQETPMEICLNGTPALAYLASAPPPL
(OCS)PSGRTPDLKALLNVVDNARSFIYVAVMNYLPTLEFSHPHRFWPAIDDGLRRATYERGVKVRLLISCWGHSEPSMR
AFLLSLAALRDNHTHSDIQVKLFVVPADEAQARIPYARVNHNKYMVTERATYIGTSNWSGNYFTETAGTSLLVTQNGRGG
LRSQLEAIFLRDWDSPYSHDLDTSADSVGNACRLLAAQ
;
_entity_poly.pdbx_strand_id   A,B
#
# COMPACT_ATOMS: atom_id res chain seq x y z
N GLN A 12 19.52 26.46 -18.34
CA GLN A 12 18.77 25.31 -17.79
C GLN A 12 19.54 24.61 -16.67
N ARG A 13 20.71 24.00 -17.01
CA ARG A 13 21.47 23.28 -16.00
C ARG A 13 22.32 24.25 -15.15
N PRO A 14 22.46 24.00 -13.86
CA PRO A 14 23.31 24.86 -13.02
C PRO A 14 24.78 24.62 -13.27
N ALA A 15 25.60 25.51 -12.70
CA ALA A 15 27.03 25.45 -12.87
C ALA A 15 27.58 24.17 -12.25
N PRO A 16 28.56 23.53 -12.89
CA PRO A 16 29.20 22.36 -12.27
C PRO A 16 30.23 22.80 -11.22
N CYS A 17 30.70 21.81 -10.48
CA CYS A 17 31.67 22.01 -9.43
C CYS A 17 33.04 21.56 -9.92
N TYR A 18 34.05 22.36 -9.63
CA TYR A 18 35.41 22.07 -10.09
C TYR A 18 36.28 21.46 -8.99
N ASP A 19 35.72 21.19 -7.81
CA ASP A 19 36.54 20.71 -6.70
C ASP A 19 36.84 19.22 -6.83
N PRO A 20 38.00 18.77 -6.35
CA PRO A 20 38.33 17.31 -6.43
C PRO A 20 37.69 16.51 -5.31
N CYS A 21 36.37 16.34 -5.40
CA CYS A 21 35.61 15.66 -4.35
C CYS A 21 36.07 14.21 -4.20
N GLU A 22 36.17 13.77 -2.94
CA GLU A 22 36.50 12.38 -2.64
C GLU A 22 35.60 11.89 -1.51
N ALA A 23 34.97 10.73 -1.69
CA ALA A 23 34.04 10.17 -0.70
C ALA A 23 34.64 8.92 -0.07
N VAL A 24 34.45 8.79 1.24
CA VAL A 24 34.94 7.64 2.00
C VAL A 24 33.79 7.16 2.89
N LEU A 25 33.39 5.90 2.72
CA LEU A 25 32.43 5.33 3.66
C LEU A 25 33.14 5.07 4.98
N VAL A 26 32.53 5.47 6.08
CA VAL A 26 33.10 5.22 7.40
C VAL A 26 32.06 4.51 8.26
N GLU A 27 32.50 3.49 8.99
CA GLU A 27 31.60 2.73 9.84
C GLU A 27 32.08 2.75 11.28
N SER A 28 31.15 2.51 12.19
CA SER A 28 31.47 2.05 13.53
C SER A 28 31.11 0.59 13.60
N ILE A 29 32.04 -0.25 14.07
CA ILE A 29 31.80 -1.67 14.26
C ILE A 29 31.87 -1.96 15.75
N PRO A 30 30.77 -2.39 16.39
CA PRO A 30 30.79 -2.62 17.85
C PRO A 30 31.85 -3.61 18.28
N GLU A 31 32.36 -3.42 19.50
CA GLU A 31 33.34 -4.34 20.08
C GLU A 31 32.78 -5.76 20.10
N GLY A 32 33.56 -6.71 19.58
CA GLY A 32 33.15 -8.11 19.53
C GLY A 32 32.38 -8.52 18.29
N LEU A 33 32.07 -7.61 17.38
CA LEU A 33 31.40 -7.94 16.12
C LEU A 33 32.46 -8.24 15.07
N ASP A 34 32.53 -9.49 14.63
CA ASP A 34 33.61 -9.94 13.75
C ASP A 34 33.08 -10.29 12.36
N PHE A 35 33.79 -9.81 11.33
CA PHE A 35 33.51 -10.12 9.92
C PHE A 35 34.77 -10.67 9.26
N PRO A 36 34.98 -11.99 9.26
CA PRO A 36 36.20 -12.55 8.67
C PRO A 36 36.43 -12.19 7.20
N SER A 39 35.15 -8.34 4.89
CA SER A 39 36.52 -8.74 5.19
C SER A 39 37.49 -7.58 4.93
N THR A 40 37.14 -6.74 3.95
CA THR A 40 37.85 -5.48 3.77
C THR A 40 37.55 -4.53 4.93
N GLY A 41 38.26 -3.41 4.96
CA GLY A 41 38.14 -2.48 6.06
C GLY A 41 37.90 -1.06 5.58
N ASN A 42 36.99 -0.38 6.28
CA ASN A 42 36.76 1.07 6.15
C ASN A 42 37.37 1.82 7.34
N PRO A 43 37.86 3.04 7.14
CA PRO A 43 38.19 3.92 8.27
C PRO A 43 37.02 4.02 9.24
N SER A 44 37.33 4.02 10.54
CA SER A 44 36.26 4.06 11.52
C SER A 44 35.72 5.48 11.67
N THR A 45 34.46 5.56 12.15
CA THR A 45 33.87 6.85 12.45
C THR A 45 34.78 7.67 13.36
N SER A 46 35.35 7.00 14.36
CA SER A 46 36.26 7.67 15.31
C SER A 46 37.48 8.23 14.59
N GLN A 47 38.16 7.40 13.78
CA GLN A 47 39.33 7.85 13.05
C GLN A 47 38.99 9.03 12.13
N ALA A 48 37.88 8.92 11.40
CA ALA A 48 37.53 9.97 10.44
C ALA A 48 37.23 11.28 11.16
N TRP A 49 36.46 11.21 12.25
CA TRP A 49 36.15 12.42 13.03
C TRP A 49 37.42 13.04 13.61
N LEU A 50 38.33 12.23 14.14
CA LEU A 50 39.58 12.78 14.67
C LEU A 50 40.36 13.51 13.58
N GLY A 51 40.44 12.90 12.40
CA GLY A 51 41.14 13.56 11.30
C GLY A 51 40.49 14.87 10.91
N LEU A 52 39.15 14.90 10.83
CA LEU A 52 38.47 16.15 10.49
C LEU A 52 38.79 17.24 11.52
N LEU A 53 38.73 16.88 12.80
CA LEU A 53 39.01 17.85 13.87
C LEU A 53 40.43 18.35 13.81
N ALA A 54 41.41 17.45 13.63
CA ALA A 54 42.81 17.86 13.64
C ALA A 54 43.11 18.83 12.52
N GLY A 55 42.40 18.73 11.39
CA GLY A 55 42.64 19.58 10.26
C GLY A 55 41.75 20.79 10.15
N ALA A 56 40.76 20.93 11.04
CA ALA A 56 39.86 22.07 10.99
C ALA A 56 40.62 23.34 11.33
N HIS A 57 40.47 24.38 10.49
CA HIS A 57 41.18 25.64 10.68
CA HIS A 57 41.18 25.63 10.70
C HIS A 57 40.27 26.86 10.74
N SER A 58 39.05 26.77 10.26
CA SER A 58 38.24 27.99 10.22
CA SER A 58 38.25 27.98 10.23
C SER A 58 36.82 27.78 10.75
N SER A 59 36.18 26.66 10.45
CA SER A 59 34.80 26.54 10.90
C SER A 59 34.38 25.08 11.04
N LEU A 60 33.47 24.85 11.98
CA LEU A 60 32.88 23.53 12.15
C LEU A 60 31.42 23.69 12.54
N ASP A 61 30.52 23.20 11.70
CA ASP A 61 29.09 23.20 11.97
C ASP A 61 28.66 21.77 12.24
N ILE A 62 27.92 21.54 13.32
CA ILE A 62 27.43 20.20 13.63
C ILE A 62 25.92 20.25 13.83
N ALA A 63 25.18 19.46 13.05
CA ALA A 63 23.77 19.18 13.33
C ALA A 63 23.71 17.92 14.18
N SER A 64 22.96 17.96 15.27
CA SER A 64 23.03 16.84 16.22
C SER A 64 21.69 16.62 16.88
N PHE A 65 21.50 15.38 17.34
CA PHE A 65 20.31 14.94 18.03
C PHE A 65 20.49 14.98 19.54
N TYR A 66 21.61 14.47 20.07
CA TYR A 66 21.92 14.53 21.49
C TYR A 66 23.42 14.35 21.66
N TRP A 67 23.91 14.64 22.88
CA TRP A 67 25.33 14.59 23.19
C TRP A 67 25.54 13.73 24.45
N THR A 68 26.18 12.54 24.29
CA THR A 68 26.62 11.73 25.44
C THR A 68 28.00 11.16 25.10
N LEU A 69 29.01 12.04 25.06
CA LEU A 69 30.32 11.59 24.66
C LEU A 69 31.15 11.00 25.80
N THR A 70 30.65 11.01 27.04
CA THR A 70 31.46 10.52 28.17
C THR A 70 30.74 9.45 29.00
N ASN A 71 31.56 8.72 29.79
CA ASN A 71 31.03 7.78 30.76
C ASN A 71 30.09 8.45 31.76
N ASN A 72 30.49 9.62 32.27
CA ASN A 72 29.63 10.33 33.22
C ASN A 72 28.26 10.63 32.61
N ASP A 73 28.23 10.99 31.32
CA ASP A 73 26.97 11.27 30.65
C ASP A 73 26.01 10.10 30.74
N THR A 74 26.52 8.88 30.60
CA THR A 74 25.71 7.68 30.59
C THR A 74 25.70 6.96 31.93
N HIS A 75 26.37 7.51 32.96
CA HIS A 75 26.49 6.89 34.28
C HIS A 75 27.07 5.49 34.20
N THR A 76 28.09 5.33 33.35
CA THR A 76 28.78 4.06 33.18
C THR A 76 30.25 4.23 33.51
N GLN A 77 30.96 3.11 33.56
CA GLN A 77 32.41 3.08 33.73
CA GLN A 77 32.41 3.06 33.74
C GLN A 77 33.03 2.12 32.74
N GLU A 78 32.60 2.25 31.48
CA GLU A 78 33.02 1.40 30.38
C GLU A 78 34.36 1.85 29.84
N PRO A 79 35.35 0.98 29.77
CA PRO A 79 36.61 1.31 29.05
C PRO A 79 36.38 1.82 27.63
N SER A 80 35.36 1.29 26.93
CA SER A 80 35.18 1.58 25.51
C SER A 80 34.53 2.92 25.26
N ALA A 81 34.27 3.71 26.31
CA ALA A 81 33.87 5.10 26.15
C ALA A 81 35.04 6.04 25.87
N GLN A 82 36.28 5.53 25.91
CA GLN A 82 37.46 6.38 25.75
C GLN A 82 37.48 7.13 24.42
N GLN A 83 37.01 6.48 23.34
CA GLN A 83 37.03 7.13 22.02
C GLN A 83 36.10 8.33 21.98
N GLY A 84 34.91 8.22 22.54
CA GLY A 84 34.03 9.38 22.57
C GLY A 84 34.58 10.48 23.47
N GLU A 85 35.20 10.09 24.58
CA GLU A 85 35.78 11.06 25.47
C GLU A 85 36.93 11.80 24.80
N GLU A 86 37.69 11.10 23.95
CA GLU A 86 38.76 11.78 23.23
C GLU A 86 38.16 12.73 22.19
N VAL A 87 37.07 12.34 21.52
CA VAL A 87 36.42 13.25 20.57
C VAL A 87 36.03 14.55 21.25
N LEU A 88 35.41 14.47 22.42
CA LEU A 88 35.04 15.68 23.13
C LEU A 88 36.28 16.49 23.52
N ARG A 89 37.36 15.81 23.92
CA ARG A 89 38.58 16.55 24.28
CA ARG A 89 38.58 16.54 24.29
C ARG A 89 39.13 17.33 23.09
N GLN A 90 39.13 16.72 21.90
CA GLN A 90 39.63 17.43 20.74
C GLN A 90 38.69 18.55 20.31
N LEU A 91 37.38 18.31 20.37
CA LEU A 91 36.40 19.35 20.07
C LEU A 91 36.64 20.59 20.91
N GLN A 92 36.97 20.40 22.19
CA GLN A 92 37.20 21.54 23.08
C GLN A 92 38.40 22.38 22.67
N THR A 93 39.30 21.85 21.84
CA THR A 93 40.46 22.64 21.43
C THR A 93 40.18 23.57 20.26
N LEU A 94 39.04 23.44 19.57
CA LEU A 94 38.86 24.12 18.29
C LEU A 94 38.61 25.62 18.45
N ALA A 95 37.59 26.01 19.21
CA ALA A 95 37.35 27.45 19.39
C ALA A 95 38.57 28.19 19.92
N PRO A 96 39.30 27.70 20.94
CA PRO A 96 40.48 28.45 21.37
C PRO A 96 41.51 28.66 20.27
N LYS A 97 41.58 27.79 19.27
CA LYS A 97 42.54 28.02 18.20
C LYS A 97 41.94 28.81 17.02
N GLY A 98 40.75 29.41 17.21
CA GLY A 98 40.19 30.28 16.20
C GLY A 98 39.14 29.67 15.30
N VAL A 99 38.84 28.37 15.43
CA VAL A 99 37.77 27.77 14.64
C VAL A 99 36.43 28.26 15.14
N ASN A 100 35.55 28.61 14.22
CA ASN A 100 34.19 29.03 14.57
C ASN A 100 33.34 27.78 14.65
N VAL A 101 32.90 27.43 15.86
CA VAL A 101 32.15 26.20 16.09
C VAL A 101 30.70 26.59 16.37
N ARG A 102 29.79 26.03 15.58
CA ARG A 102 28.36 26.21 15.78
C ARG A 102 27.71 24.84 15.89
N ILE A 103 26.99 24.59 16.98
CA ILE A 103 26.36 23.30 17.22
C ILE A 103 24.87 23.52 17.40
N ALA A 104 24.06 22.91 16.51
CA ALA A 104 22.62 22.87 16.66
C ALA A 104 22.23 21.53 17.24
N VAL A 105 21.40 21.52 18.27
CA VAL A 105 21.04 20.27 18.93
C VAL A 105 19.53 20.27 19.19
N SER A 106 18.93 19.10 19.05
CA SER A 106 17.51 18.93 19.31
C SER A 106 17.19 19.26 20.76
N LYS A 107 16.09 19.99 20.96
CA LYS A 107 15.66 20.24 22.33
C LYS A 107 15.20 18.94 22.97
N PRO A 108 15.74 18.55 24.12
CA PRO A 108 15.32 17.30 24.75
C PRO A 108 13.88 17.35 25.21
N SER A 109 13.29 16.15 25.32
CA SER A 109 11.88 16.03 25.68
C SER A 109 11.60 16.64 27.04
N GLY A 110 12.56 16.59 27.96
CA GLY A 110 12.39 17.18 29.26
C GLY A 110 13.72 17.53 29.89
N PRO A 111 13.70 17.99 31.16
CA PRO A 111 14.94 18.28 31.90
C PRO A 111 16.04 17.25 31.70
N GLN A 112 17.23 17.73 31.42
CA GLN A 112 18.38 16.88 31.13
CA GLN A 112 18.38 16.89 31.10
C GLN A 112 19.67 17.70 31.25
N PRO A 113 20.70 17.18 31.91
CA PRO A 113 21.96 17.92 31.96
C PRO A 113 22.66 17.87 30.60
N GLN A 114 23.47 18.88 30.33
CA GLN A 114 24.17 18.97 29.05
C GLN A 114 25.66 19.21 29.32
N ALA A 115 26.34 18.22 29.91
CA ALA A 115 27.72 18.41 30.32
C ALA A 115 28.61 18.64 29.10
N ASP A 116 28.42 17.87 28.04
CA ASP A 116 29.23 18.05 26.84
C ASP A 116 29.08 19.47 26.29
N LEU A 117 27.83 19.92 26.10
CA LEU A 117 27.61 21.23 25.47
C LEU A 117 28.06 22.36 26.37
N GLN A 118 27.89 22.21 27.70
CA GLN A 118 28.45 23.17 28.64
C GLN A 118 29.95 23.28 28.47
N ALA A 119 30.64 22.14 28.41
CA ALA A 119 32.08 22.19 28.22
C ALA A 119 32.44 22.89 26.92
N LEU A 120 31.69 22.62 25.85
CA LEU A 120 32.02 23.25 24.57
C LEU A 120 31.74 24.75 24.59
N LEU A 121 30.62 25.16 25.21
CA LEU A 121 30.37 26.58 25.39
C LEU A 121 31.51 27.26 26.12
N GLN A 122 32.04 26.62 27.16
CA GLN A 122 33.12 27.28 27.90
C GLN A 122 34.40 27.36 27.10
N SER A 123 34.59 26.46 26.14
CA SER A 123 35.72 26.56 25.23
C SER A 123 35.53 27.64 24.17
N GLY A 124 34.32 28.18 24.02
CA GLY A 124 34.07 29.20 23.04
C GLY A 124 33.19 28.78 21.89
N ALA A 125 32.73 27.54 21.84
CA ALA A 125 31.80 27.15 20.80
C ALA A 125 30.44 27.82 21.02
N GLN A 126 29.69 27.97 19.94
CA GLN A 126 28.32 28.44 20.00
CA GLN A 126 28.32 28.44 20.01
C GLN A 126 27.38 27.25 19.91
N VAL A 127 26.34 27.25 20.75
CA VAL A 127 25.36 26.17 20.83
C VAL A 127 23.96 26.76 20.80
N ARG A 128 23.09 26.22 19.96
CA ARG A 128 21.68 26.57 19.97
C ARG A 128 20.85 25.30 19.99
N MET A 129 19.86 25.24 20.90
CA MET A 129 18.86 24.19 20.90
C MET A 129 17.71 24.55 19.98
N VAL A 130 17.28 23.60 19.15
CA VAL A 130 16.17 23.80 18.23
C VAL A 130 14.95 23.07 18.79
N ASP A 131 13.87 23.81 18.98
CA ASP A 131 12.63 23.24 19.52
C ASP A 131 11.72 22.78 18.38
N MET A 132 12.13 21.66 17.74
CA MET A 132 11.36 21.12 16.62
C MET A 132 9.97 20.67 17.06
N GLN A 133 9.81 20.26 18.32
CA GLN A 133 8.48 19.88 18.80
C GLN A 133 7.51 21.04 18.64
N LYS A 134 7.91 22.22 19.09
CA LYS A 134 7.07 23.38 18.97
C LYS A 134 6.86 23.75 17.51
N LEU A 135 7.93 23.70 16.71
CA LEU A 135 7.87 24.23 15.34
C LEU A 135 7.12 23.31 14.40
N THR A 136 7.36 21.99 14.47
CA THR A 136 6.78 21.05 13.52
C THR A 136 6.24 19.78 14.16
N HIS A 137 6.19 19.68 15.49
CA HIS A 137 5.88 18.44 16.21
C HIS A 137 6.89 17.33 15.93
N GLY A 138 8.08 17.67 15.41
CA GLY A 138 9.13 16.72 15.20
C GLY A 138 10.27 16.91 16.19
N VAL A 139 11.40 16.27 15.88
CA VAL A 139 12.62 16.45 16.64
C VAL A 139 13.75 16.64 15.62
N LEU A 140 14.85 17.22 16.09
CA LEU A 140 16.00 17.47 15.22
C LEU A 140 16.87 16.22 15.24
N HIS A 141 16.59 15.28 14.32
CA HIS A 141 17.22 13.97 14.30
C HIS A 141 18.48 13.90 13.43
N THR A 142 18.70 14.90 12.58
CA THR A 142 19.83 14.97 11.66
C THR A 142 21.19 14.85 12.36
N LYS A 143 22.13 14.13 11.72
CA LYS A 143 23.52 14.06 12.17
C LYS A 143 24.41 14.45 10.99
N PHE A 144 25.09 15.60 11.06
CA PHE A 144 26.14 15.87 10.08
C PHE A 144 27.13 16.89 10.63
N TRP A 145 28.30 16.95 10.00
CA TRP A 145 29.36 17.93 10.27
C TRP A 145 29.70 18.62 8.97
N VAL A 146 29.92 19.94 9.01
CA VAL A 146 30.56 20.65 7.89
C VAL A 146 31.82 21.31 8.42
N VAL A 147 32.95 20.99 7.79
CA VAL A 147 34.27 21.40 8.26
C VAL A 147 34.88 22.35 7.24
N ASP A 148 35.19 23.57 7.70
CA ASP A 148 35.84 24.60 6.89
C ASP A 148 35.16 24.80 5.52
N GLN A 149 33.84 24.60 5.46
CA GLN A 149 33.11 24.77 4.20
C GLN A 149 33.76 23.96 3.07
N THR A 150 34.32 22.80 3.41
CA THR A 150 35.10 22.03 2.46
C THR A 150 34.79 20.54 2.52
N HIS A 151 34.74 19.98 3.73
CA HIS A 151 34.45 18.57 3.95
C HIS A 151 33.16 18.42 4.73
N PHE A 152 32.55 17.23 4.67
CA PHE A 152 31.42 16.99 5.56
C PHE A 152 31.28 15.51 5.90
N TYR A 153 30.72 15.26 7.08
CA TYR A 153 30.29 13.92 7.48
C TYR A 153 28.77 13.90 7.47
N LEU A 154 28.19 12.85 6.88
CA LEU A 154 26.75 12.64 6.92
C LEU A 154 26.49 11.17 7.18
N GLY A 155 25.65 10.83 8.15
CA GLY A 155 25.46 9.42 8.43
C GLY A 155 24.65 9.22 9.69
N SER A 156 24.71 7.99 10.21
CA SER A 156 23.86 7.59 11.33
C SER A 156 24.46 7.91 12.70
N ALA A 157 25.75 8.18 12.80
CA ALA A 157 26.38 8.25 14.11
C ALA A 157 25.99 9.52 14.85
N ASN A 158 25.53 9.37 16.10
CA ASN A 158 25.22 10.52 16.94
C ASN A 158 26.48 10.99 17.69
N MET A 159 26.35 12.11 18.41
CA MET A 159 27.43 12.68 19.24
C MET A 159 27.55 11.89 20.54
N ASP A 160 27.98 10.65 20.40
CA ASP A 160 27.70 9.65 21.40
C ASP A 160 28.85 8.66 21.47
N TRP A 161 29.43 8.43 22.66
CA TRP A 161 30.54 7.50 22.71
C TRP A 161 30.09 6.10 22.30
N ARG A 162 28.82 5.79 22.54
CA ARG A 162 28.30 4.48 22.12
C ARG A 162 28.26 4.36 20.60
N SER A 163 28.11 5.49 19.91
CA SER A 163 28.12 5.50 18.44
C SER A 163 29.48 5.15 17.87
N LEU A 164 30.53 5.13 18.69
CA LEU A 164 31.85 4.76 18.18
C LEU A 164 32.17 3.28 18.42
N THR A 165 31.81 2.74 19.59
CA THR A 165 32.28 1.41 19.97
C THR A 165 31.21 0.39 20.31
N GLN A 166 29.93 0.78 20.47
CA GLN A 166 28.94 -0.18 20.95
C GLN A 166 27.68 -0.27 20.09
N VAL A 167 27.58 0.54 19.05
CA VAL A 167 26.47 0.46 18.11
CA VAL A 167 26.45 0.59 18.11
C VAL A 167 27.03 0.59 16.71
N LYS A 168 26.42 -0.13 15.77
CA LYS A 168 26.94 -0.16 14.41
C LYS A 168 26.42 1.06 13.65
N GLU A 169 27.32 1.76 12.95
CA GLU A 169 26.99 3.01 12.25
C GLU A 169 27.50 2.97 10.82
N LEU A 170 26.82 3.73 9.95
CA LEU A 170 27.24 3.91 8.56
C LEU A 170 27.14 5.39 8.20
N GLY A 171 28.22 5.95 7.68
CA GLY A 171 28.19 7.33 7.23
C GLY A 171 29.14 7.49 6.06
N VAL A 172 29.20 8.71 5.54
CA VAL A 172 30.16 9.07 4.50
C VAL A 172 30.87 10.36 4.91
N VAL A 173 32.16 10.44 4.62
CA VAL A 173 32.87 11.72 4.66
C VAL A 173 33.21 12.11 3.23
N MET A 174 32.71 13.28 2.81
CA MET A 174 33.06 13.90 1.53
C MET A 174 34.19 14.90 1.79
N TYR A 175 35.36 14.67 1.21
CA TYR A 175 36.50 15.57 1.36
C TYR A 175 36.67 16.45 0.14
N ASN A 176 37.23 17.63 0.36
CA ASN A 176 37.65 18.52 -0.70
C ASN A 176 36.54 18.78 -1.71
N CYS A 177 35.36 19.13 -1.20
CA CYS A 177 34.20 19.22 -2.09
C CYS A 177 33.40 20.46 -1.67
N SER A 178 34.03 21.64 -1.83
CA SER A 178 33.46 22.87 -1.25
C SER A 178 32.05 23.18 -1.77
N CYS A 179 31.78 22.99 -3.06
CA CYS A 179 30.44 23.33 -3.57
CA CYS A 179 30.44 23.33 -3.57
C CYS A 179 29.36 22.59 -2.80
N LEU A 180 29.58 21.32 -2.50
CA LEU A 180 28.57 20.53 -1.83
C LEU A 180 28.56 20.79 -0.33
N ALA A 181 29.75 21.01 0.27
CA ALA A 181 29.80 21.44 1.66
C ALA A 181 28.99 22.72 1.86
N ARG A 182 29.20 23.71 0.98
CA ARG A 182 28.45 24.96 1.08
C ARG A 182 26.95 24.70 0.91
N ASP A 183 26.58 23.76 0.03
CA ASP A 183 25.18 23.41 -0.12
C ASP A 183 24.61 22.83 1.18
N LEU A 184 25.37 21.94 1.84
CA LEU A 184 24.92 21.36 3.10
C LEU A 184 24.77 22.41 4.19
N THR A 185 25.67 23.41 4.20
CA THR A 185 25.57 24.50 5.17
C THR A 185 24.24 25.24 5.07
N LYS A 186 23.65 25.31 3.87
CA LYS A 186 22.33 25.94 3.76
C LYS A 186 21.28 25.18 4.55
N ILE A 187 21.43 23.86 4.66
CA ILE A 187 20.51 23.11 5.49
C ILE A 187 20.79 23.38 6.96
N PHE A 188 22.08 23.41 7.33
CA PHE A 188 22.44 23.77 8.70
C PHE A 188 21.90 25.14 9.09
N GLU A 189 21.97 26.12 8.18
CA GLU A 189 21.58 27.47 8.55
CA GLU A 189 21.58 27.48 8.56
C GLU A 189 20.11 27.55 8.96
N ALA A 190 19.26 26.68 8.42
CA ALA A 190 17.87 26.70 8.86
C ALA A 190 17.75 26.22 10.30
N TYR A 191 18.53 25.21 10.71
CA TYR A 191 18.55 24.84 12.11
C TYR A 191 19.11 25.97 12.95
N TRP A 192 20.14 26.64 12.44
CA TRP A 192 20.78 27.70 13.21
C TRP A 192 19.82 28.87 13.44
N PHE A 193 19.08 29.26 12.39
CA PHE A 193 18.09 30.30 12.52
C PHE A 193 17.01 29.92 13.53
N LEU A 194 16.46 28.71 13.40
CA LEU A 194 15.37 28.25 14.26
C LEU A 194 15.80 28.01 15.70
N GLY A 195 17.10 27.86 15.97
CA GLY A 195 17.54 27.75 17.35
C GLY A 195 17.52 29.05 18.14
N GLN A 196 17.16 30.19 17.54
CA GLN A 196 17.17 31.46 18.27
C GLN A 196 15.84 31.69 18.98
N ALA A 197 15.91 32.34 20.14
CA ALA A 197 14.71 32.76 20.85
C ALA A 197 13.77 33.52 19.92
N GLY A 198 12.48 33.20 20.00
CA GLY A 198 11.45 33.89 19.24
C GLY A 198 11.25 33.38 17.83
N SER A 199 12.02 32.39 17.40
CA SER A 199 11.97 31.95 16.02
C SER A 199 10.64 31.30 15.66
N SER A 200 10.29 31.38 14.38
CA SER A 200 9.13 30.71 13.81
CA SER A 200 9.16 30.65 13.84
C SER A 200 9.49 30.27 12.40
N ILE A 201 8.75 29.30 11.89
CA ILE A 201 8.94 28.88 10.50
C ILE A 201 8.57 30.05 9.61
N PRO A 202 9.47 30.54 8.75
CA PRO A 202 9.07 31.61 7.81
C PRO A 202 8.15 31.07 6.74
N SER A 203 7.14 31.87 6.37
CA SER A 203 6.26 31.42 5.30
C SER A 203 7.02 31.25 3.99
N THR A 204 8.05 32.08 3.78
CA THR A 204 8.97 31.93 2.65
C THR A 204 10.39 32.09 3.18
N TRP A 205 11.22 31.07 2.97
CA TRP A 205 12.62 31.15 3.36
C TRP A 205 13.33 32.16 2.44
N PRO A 206 14.18 33.03 2.99
CA PRO A 206 14.93 33.96 2.13
C PRO A 206 15.74 33.21 1.08
N ARG A 207 16.05 33.93 0.00
CA ARG A 207 16.70 33.32 -1.16
C ARG A 207 18.05 32.72 -0.81
N PHE A 208 18.74 33.24 0.22
CA PHE A 208 20.05 32.62 0.46
C PHE A 208 19.97 31.20 1.01
N TYR A 209 18.78 30.70 1.36
CA TYR A 209 18.62 29.28 1.69
C TYR A 209 18.42 28.41 0.45
N ASP A 210 18.01 29.01 -0.67
CA ASP A 210 17.65 28.26 -1.87
C ASP A 210 18.85 27.50 -2.40
N THR A 211 18.56 26.44 -3.14
CA THR A 211 19.59 25.70 -3.84
C THR A 211 19.17 25.45 -5.29
N ARG A 212 20.17 25.43 -6.17
CA ARG A 212 19.97 25.05 -7.56
C ARG A 212 20.17 23.55 -7.79
N TYR A 213 20.61 22.80 -6.79
CA TYR A 213 21.10 21.44 -6.95
C TYR A 213 20.11 20.49 -6.30
N ASN A 214 19.42 19.68 -7.12
CA ASN A 214 18.27 18.92 -6.64
C ASN A 214 18.01 17.75 -7.58
N GLN A 215 16.94 17.01 -7.30
CA GLN A 215 16.60 15.83 -8.10
C GLN A 215 16.57 16.15 -9.60
N GLU A 216 15.95 17.27 -9.98
CA GLU A 216 15.79 17.59 -11.40
C GLU A 216 17.10 17.99 -12.03
N THR A 217 17.93 18.76 -11.32
CA THR A 217 19.26 19.17 -11.79
C THR A 217 20.27 18.93 -10.67
N PRO A 218 20.84 17.73 -10.58
CA PRO A 218 21.84 17.48 -9.54
C PRO A 218 23.13 18.23 -9.80
N MET A 219 23.97 18.34 -8.77
CA MET A 219 25.27 18.96 -8.94
C MET A 219 26.20 18.04 -9.73
N GLU A 220 26.83 18.57 -10.77
CA GLU A 220 27.89 17.85 -11.46
C GLU A 220 29.17 17.99 -10.67
N ILE A 221 29.70 16.88 -10.17
CA ILE A 221 30.96 16.89 -9.44
C ILE A 221 31.91 15.87 -10.04
N CYS A 222 33.19 16.07 -9.77
CA CYS A 222 34.23 15.09 -10.07
C CYS A 222 34.48 14.33 -8.77
N LEU A 223 34.03 13.08 -8.72
CA LEU A 223 34.01 12.28 -7.50
C LEU A 223 35.04 11.17 -7.65
N ASN A 224 36.16 11.26 -6.91
CA ASN A 224 37.24 10.29 -7.12
C ASN A 224 37.69 10.23 -8.57
N GLY A 225 37.78 11.40 -9.20
CA GLY A 225 38.33 11.50 -10.53
C GLY A 225 37.42 11.09 -11.67
N THR A 226 36.15 10.78 -11.43
CA THR A 226 35.25 10.57 -12.55
C THR A 226 33.95 11.35 -12.33
N PRO A 227 33.24 11.72 -13.40
CA PRO A 227 32.02 12.52 -13.24
C PRO A 227 30.95 11.80 -12.44
N ALA A 228 30.22 12.57 -11.63
CA ALA A 228 29.11 12.05 -10.85
C ALA A 228 28.08 13.16 -10.66
N LEU A 229 26.86 12.75 -10.32
CA LEU A 229 25.75 13.66 -10.02
C LEU A 229 25.36 13.50 -8.56
N ALA A 230 25.35 14.60 -7.82
CA ALA A 230 25.12 14.54 -6.39
C ALA A 230 24.14 15.63 -5.96
N TYR A 231 23.28 15.31 -5.01
CA TYR A 231 22.51 16.35 -4.36
C TYR A 231 22.12 15.92 -2.97
N LEU A 232 21.63 16.89 -2.20
CA LEU A 232 21.31 16.73 -0.79
C LEU A 232 19.84 17.05 -0.63
N ALA A 233 19.10 16.16 0.02
CA ALA A 233 17.68 16.33 0.25
C ALA A 233 17.50 16.54 1.75
N SER A 234 16.40 17.18 2.13
CA SER A 234 16.20 17.47 3.54
CA SER A 234 16.19 17.58 3.52
C SER A 234 14.72 17.37 3.91
N ALA A 235 14.50 17.23 5.21
CA ALA A 235 13.17 17.13 5.81
C ALA A 235 13.20 17.97 7.08
N PRO A 236 12.02 18.39 7.57
CA PRO A 236 10.64 18.18 7.05
C PRO A 236 10.24 19.32 6.08
N PRO A 237 9.09 19.22 5.42
CA PRO A 237 8.70 20.21 4.39
C PRO A 237 8.75 21.67 4.86
N PRO A 238 8.32 22.02 6.07
CA PRO A 238 8.39 23.45 6.46
C PRO A 238 9.80 24.02 6.46
N LEU A 239 10.84 23.18 6.49
CA LEU A 239 12.21 23.68 6.43
C LEU A 239 12.74 23.69 5.00
N PRO A 241 13.34 25.21 1.56
CA PRO A 241 13.30 26.44 0.75
C PRO A 241 13.16 26.10 -0.72
N SER A 242 13.01 27.12 -1.57
CA SER A 242 12.88 26.90 -2.99
CA SER A 242 12.87 26.89 -3.00
C SER A 242 14.09 26.15 -3.54
N GLY A 243 13.81 25.10 -4.33
CA GLY A 243 14.85 24.32 -4.97
C GLY A 243 15.32 23.09 -4.22
N ARG A 244 15.00 22.96 -2.93
CA ARG A 244 15.52 21.86 -2.12
C ARG A 244 14.59 20.65 -2.20
N THR A 245 15.10 19.53 -2.70
CA THR A 245 14.31 18.31 -2.81
C THR A 245 13.97 17.75 -1.44
N PRO A 246 12.71 17.41 -1.17
CA PRO A 246 12.38 16.72 0.09
C PRO A 246 13.01 15.34 0.16
N ASP A 247 13.39 14.95 1.38
CA ASP A 247 13.97 13.64 1.62
C ASP A 247 13.09 12.51 1.08
N LEU A 248 11.78 12.55 1.37
CA LEU A 248 10.90 11.48 0.89
C LEU A 248 10.90 11.39 -0.63
N LYS A 249 10.83 12.53 -1.31
CA LYS A 249 10.80 12.51 -2.77
C LYS A 249 12.09 11.92 -3.33
N ALA A 250 13.24 12.29 -2.74
CA ALA A 250 14.53 11.77 -3.18
C ALA A 250 14.62 10.26 -2.99
N LEU A 251 14.17 9.78 -1.83
CA LEU A 251 14.15 8.35 -1.53
C LEU A 251 13.27 7.59 -2.53
N LEU A 252 12.02 8.04 -2.72
CA LEU A 252 11.11 7.33 -3.61
C LEU A 252 11.58 7.37 -5.06
N ASN A 253 12.28 8.44 -5.45
CA ASN A 253 12.81 8.51 -6.80
C ASN A 253 13.82 7.39 -7.03
N VAL A 254 14.66 7.10 -6.02
CA VAL A 254 15.62 6.00 -6.17
C VAL A 254 14.90 4.67 -6.27
N VAL A 255 13.85 4.49 -5.44
CA VAL A 255 13.07 3.25 -5.48
C VAL A 255 12.39 3.09 -6.83
N ASP A 256 11.77 4.16 -7.33
CA ASP A 256 11.03 4.10 -8.59
C ASP A 256 11.95 3.94 -9.79
N ASN A 257 13.22 4.35 -9.69
CA ASN A 257 14.11 4.26 -10.84
C ASN A 257 14.88 2.94 -10.90
N ALA A 258 14.91 2.17 -9.82
CA ALA A 258 15.65 0.92 -9.83
C ALA A 258 15.06 -0.02 -10.86
N ARG A 259 15.93 -0.75 -11.57
CA ARG A 259 15.49 -1.77 -12.51
C ARG A 259 16.01 -3.15 -12.18
N SER A 260 16.92 -3.31 -11.22
CA SER A 260 17.50 -4.62 -10.90
CA SER A 260 17.52 -4.61 -10.91
C SER A 260 17.35 -4.99 -9.44
N PHE A 261 17.84 -4.17 -8.52
CA PHE A 261 17.70 -4.51 -7.10
C PHE A 261 17.61 -3.25 -6.27
N ILE A 262 17.00 -3.38 -5.10
CA ILE A 262 16.94 -2.34 -4.07
C ILE A 262 17.39 -2.98 -2.76
N TYR A 263 18.51 -2.54 -2.21
CA TYR A 263 19.01 -3.03 -0.92
C TYR A 263 18.86 -1.90 0.09
N VAL A 264 18.14 -2.16 1.18
CA VAL A 264 17.90 -1.16 2.23
C VAL A 264 18.37 -1.73 3.55
N ALA A 265 19.23 -1.01 4.24
CA ALA A 265 19.57 -1.32 5.62
C ALA A 265 19.14 -0.14 6.49
N VAL A 266 18.20 -0.35 7.40
CA VAL A 266 17.68 0.75 8.20
C VAL A 266 17.25 0.20 9.54
N MET A 267 17.55 0.94 10.61
CA MET A 267 17.28 0.45 11.96
C MET A 267 15.84 0.08 12.15
N ASN A 268 14.93 0.99 11.77
CA ASN A 268 13.49 0.84 11.97
C ASN A 268 12.81 1.09 10.63
N TYR A 269 11.82 0.26 10.32
CA TYR A 269 10.98 0.45 9.15
C TYR A 269 9.55 0.21 9.59
N LEU A 270 8.69 1.19 9.34
CA LEU A 270 7.29 1.05 9.76
C LEU A 270 6.42 1.92 8.86
N PRO A 271 5.44 1.34 8.10
CA PRO A 271 4.63 2.18 7.18
C PRO A 271 3.48 2.87 7.92
N THR A 272 3.85 3.71 8.88
CA THR A 272 2.87 4.37 9.74
C THR A 272 3.41 5.75 10.10
N LEU A 273 2.52 6.61 10.59
CA LEU A 273 2.92 7.85 11.24
C LEU A 273 2.96 7.52 12.71
N GLU A 274 4.16 7.10 13.16
CA GLU A 274 4.32 6.39 14.44
C GLU A 274 3.61 7.09 15.58
N PHE A 275 3.86 8.38 15.74
CA PHE A 275 3.43 9.12 16.92
C PHE A 275 2.52 10.26 16.47
N SER A 276 1.23 9.92 16.38
CA SER A 276 0.12 10.78 16.02
C SER A 276 -1.14 10.03 16.39
N HIS A 277 -2.12 10.72 16.96
CA HIS A 277 -3.29 10.01 17.43
C HIS A 277 -4.56 10.56 16.77
N PRO A 278 -5.43 9.67 16.26
CA PRO A 278 -5.29 8.21 16.23
C PRO A 278 -4.15 7.80 15.30
N HIS A 279 -3.63 6.58 15.44
CA HIS A 279 -2.48 6.17 14.65
C HIS A 279 -2.87 6.12 13.16
N ARG A 280 -1.92 6.43 12.29
CA ARG A 280 -2.19 6.63 10.87
C ARG A 280 -1.32 5.71 10.01
N PHE A 281 -1.95 5.09 9.02
CA PHE A 281 -1.26 4.22 8.07
C PHE A 281 -0.53 5.10 7.05
N TRP A 282 0.69 4.72 6.70
CA TRP A 282 1.55 5.55 5.86
C TRP A 282 2.29 4.69 4.86
N PRO A 283 1.67 4.39 3.71
CA PRO A 283 2.21 3.42 2.76
C PRO A 283 3.17 3.97 1.70
N ALA A 284 3.61 5.22 1.79
CA ALA A 284 4.43 5.82 0.73
C ALA A 284 5.59 4.90 0.31
N ILE A 285 6.45 4.53 1.26
CA ILE A 285 7.59 3.71 0.88
C ILE A 285 7.15 2.29 0.58
N ASP A 286 6.27 1.75 1.43
CA ASP A 286 5.81 0.37 1.29
C ASP A 286 5.27 0.09 -0.11
N ASP A 287 4.37 0.97 -0.60
CA ASP A 287 3.84 0.78 -1.94
C ASP A 287 4.89 1.00 -3.01
N GLY A 288 5.84 1.90 -2.76
CA GLY A 288 6.97 2.03 -3.67
C GLY A 288 7.74 0.73 -3.84
N LEU A 289 8.00 0.02 -2.73
CA LEU A 289 8.71 -1.25 -2.82
C LEU A 289 7.85 -2.33 -3.49
N ARG A 290 6.56 -2.38 -3.16
CA ARG A 290 5.68 -3.35 -3.82
C ARG A 290 5.60 -3.07 -5.31
N ARG A 291 5.54 -1.79 -5.68
CA ARG A 291 5.46 -1.45 -7.10
C ARG A 291 6.73 -1.87 -7.83
N ALA A 292 7.89 -1.64 -7.21
CA ALA A 292 9.17 -2.00 -7.83
C ALA A 292 9.24 -3.50 -8.10
N THR A 293 8.93 -4.33 -7.11
CA THR A 293 9.09 -5.76 -7.30
C THR A 293 8.04 -6.31 -8.27
N TYR A 294 6.80 -5.82 -8.21
CA TYR A 294 5.75 -6.40 -9.05
C TYR A 294 5.79 -5.84 -10.47
N GLU A 295 5.94 -4.52 -10.62
CA GLU A 295 5.90 -3.95 -11.96
C GLU A 295 7.20 -4.16 -12.73
N ARG A 296 8.35 -4.16 -12.04
CA ARG A 296 9.63 -4.15 -12.74
C ARG A 296 10.53 -5.32 -12.37
N GLY A 297 10.05 -6.28 -11.60
CA GLY A 297 10.84 -7.45 -11.28
C GLY A 297 12.04 -7.15 -10.39
N VAL A 298 12.02 -6.02 -9.67
CA VAL A 298 13.17 -5.61 -8.88
C VAL A 298 13.32 -6.50 -7.66
N LYS A 299 14.55 -6.96 -7.40
CA LYS A 299 14.83 -7.77 -6.22
C LYS A 299 15.04 -6.84 -5.02
N VAL A 300 14.17 -6.96 -4.02
CA VAL A 300 14.20 -6.09 -2.85
C VAL A 300 14.73 -6.88 -1.66
N ARG A 301 15.77 -6.34 -1.01
CA ARG A 301 16.30 -6.92 0.22
C ARG A 301 16.24 -5.84 1.30
N LEU A 302 15.48 -6.11 2.36
CA LEU A 302 15.30 -5.20 3.48
C LEU A 302 15.99 -5.79 4.70
N LEU A 303 17.05 -5.12 5.17
CA LEU A 303 17.78 -5.56 6.36
C LEU A 303 17.42 -4.60 7.49
N ILE A 304 16.54 -5.05 8.37
CA ILE A 304 16.02 -4.25 9.46
C ILE A 304 16.72 -4.67 10.74
N SER A 305 16.99 -3.71 11.64
CA SER A 305 17.65 -4.06 12.90
C SER A 305 16.63 -4.52 13.93
N CYS A 306 17.10 -5.28 14.91
CA CYS A 306 16.21 -5.72 15.96
C CYS A 306 16.95 -5.68 17.28
N TRP A 307 16.35 -5.06 18.29
CA TRP A 307 16.87 -5.10 19.65
C TRP A 307 15.71 -5.02 20.62
N GLY A 308 16.04 -4.90 21.90
CA GLY A 308 15.01 -4.85 22.92
C GLY A 308 14.08 -3.65 22.81
N HIS A 309 14.49 -2.59 22.10
CA HIS A 309 13.67 -1.39 21.99
C HIS A 309 12.88 -1.34 20.69
N SER A 310 12.94 -2.41 19.88
CA SER A 310 12.24 -2.41 18.60
C SER A 310 10.74 -2.35 18.84
N GLU A 311 10.06 -1.50 18.08
CA GLU A 311 8.60 -1.49 18.10
C GLU A 311 8.05 -2.83 17.61
N PRO A 312 7.34 -3.59 18.43
CA PRO A 312 6.93 -4.93 17.99
C PRO A 312 5.90 -4.94 16.87
N SER A 313 5.20 -3.83 16.64
CA SER A 313 4.26 -3.78 15.52
C SER A 313 4.97 -3.87 14.18
N MET A 314 6.29 -3.70 14.16
CA MET A 314 7.07 -3.84 12.93
C MET A 314 6.95 -5.23 12.33
N ARG A 315 6.81 -6.24 13.17
CA ARG A 315 6.92 -7.62 12.68
C ARG A 315 5.85 -7.94 11.64
N ALA A 316 4.59 -7.60 11.93
CA ALA A 316 3.52 -7.95 10.99
C ALA A 316 3.71 -7.25 9.64
N PHE A 317 4.15 -5.99 9.67
CA PHE A 317 4.37 -5.27 8.42
C PHE A 317 5.53 -5.87 7.62
N LEU A 318 6.57 -6.38 8.30
CA LEU A 318 7.68 -6.99 7.56
C LEU A 318 7.27 -8.36 7.00
N LEU A 319 6.52 -9.13 7.78
CA LEU A 319 5.97 -10.39 7.26
C LEU A 319 5.09 -10.14 6.04
N SER A 320 4.38 -9.01 6.03
CA SER A 320 3.47 -8.70 4.93
C SER A 320 4.25 -8.46 3.64
N LEU A 321 5.40 -7.79 3.73
CA LEU A 321 6.28 -7.60 2.58
C LEU A 321 6.95 -8.90 2.16
N ALA A 322 7.48 -9.66 3.13
CA ALA A 322 8.12 -10.93 2.83
C ALA A 322 7.18 -11.90 2.12
N ALA A 323 5.87 -11.75 2.28
CA ALA A 323 4.95 -12.67 1.63
C ALA A 323 4.92 -12.50 0.12
N LEU A 324 5.37 -11.36 -0.40
CA LEU A 324 5.47 -11.08 -1.84
C LEU A 324 6.75 -11.69 -2.42
N ARG A 325 6.83 -13.00 -2.36
CA ARG A 325 7.86 -13.72 -3.09
C ARG A 325 7.15 -14.78 -3.91
N ASP A 326 7.35 -14.74 -5.23
CA ASP A 326 6.54 -15.54 -6.14
C ASP A 326 7.36 -15.78 -7.40
N ASN A 327 7.70 -17.06 -7.66
CA ASN A 327 8.54 -17.41 -8.80
C ASN A 327 7.95 -16.99 -10.14
N HIS A 328 6.63 -16.91 -10.23
CA HIS A 328 6.00 -16.75 -11.54
C HIS A 328 5.72 -15.30 -11.91
N THR A 329 5.46 -14.42 -10.92
CA THR A 329 5.40 -12.99 -11.22
C THR A 329 6.76 -12.34 -11.18
N HIS A 330 7.79 -13.05 -10.71
CA HIS A 330 9.12 -12.49 -10.42
C HIS A 330 9.07 -11.42 -9.33
N SER A 331 8.03 -11.45 -8.49
CA SER A 331 8.05 -10.66 -7.27
C SER A 331 9.01 -11.29 -6.28
N ASP A 332 9.89 -10.47 -5.69
CA ASP A 332 10.98 -11.03 -4.90
C ASP A 332 11.44 -10.02 -3.85
N ILE A 333 10.70 -9.92 -2.74
CA ILE A 333 11.10 -9.13 -1.58
C ILE A 333 11.53 -10.12 -0.49
N GLN A 334 12.67 -9.83 0.13
CA GLN A 334 13.14 -10.64 1.26
C GLN A 334 13.47 -9.71 2.41
N VAL A 335 13.23 -10.20 3.63
CA VAL A 335 13.49 -9.45 4.86
C VAL A 335 14.39 -10.28 5.75
N LYS A 336 15.42 -9.65 6.30
CA LYS A 336 16.17 -10.24 7.39
C LYS A 336 16.30 -9.22 8.51
N LEU A 337 16.53 -9.73 9.71
CA LEU A 337 16.76 -8.91 10.90
C LEU A 337 18.23 -8.99 11.29
N PHE A 338 18.88 -7.82 11.41
CA PHE A 338 20.26 -7.77 11.88
C PHE A 338 20.25 -7.56 13.39
N VAL A 339 20.91 -8.46 14.12
CA VAL A 339 20.97 -8.43 15.57
C VAL A 339 22.44 -8.39 15.98
N VAL A 340 22.83 -7.34 16.69
CA VAL A 340 24.15 -7.23 17.31
C VAL A 340 24.16 -8.05 18.60
N PRO A 341 24.97 -9.09 18.73
CA PRO A 341 25.02 -9.85 19.98
C PRO A 341 25.55 -9.01 21.13
N ALA A 342 25.26 -9.45 22.35
CA ALA A 342 25.76 -8.78 23.54
C ALA A 342 26.16 -9.82 24.58
N ASP A 343 27.29 -9.57 25.23
CA ASP A 343 27.60 -10.32 26.43
C ASP A 343 27.04 -9.59 27.65
N GLU A 344 27.29 -10.17 28.82
CA GLU A 344 26.71 -9.67 30.06
C GLU A 344 27.14 -8.23 30.35
N ALA A 345 28.42 -7.91 30.16
CA ALA A 345 28.86 -6.54 30.38
C ALA A 345 28.20 -5.58 29.39
N GLN A 346 28.16 -5.96 28.10
CA GLN A 346 27.59 -5.05 27.10
C GLN A 346 26.09 -4.87 27.30
N ALA A 347 25.40 -5.90 27.78
CA ALA A 347 23.97 -5.79 28.05
C ALA A 347 23.67 -4.72 29.10
N ARG A 348 24.62 -4.41 29.98
CA ARG A 348 24.40 -3.40 31.00
CA ARG A 348 24.44 -3.40 31.01
C ARG A 348 24.57 -1.97 30.48
N ILE A 349 25.02 -1.79 29.25
CA ILE A 349 25.20 -0.45 28.70
C ILE A 349 23.86 0.01 28.17
N PRO A 350 23.34 1.15 28.59
CA PRO A 350 22.04 1.59 28.08
C PRO A 350 22.12 1.90 26.60
N TYR A 351 21.03 1.57 25.89
CA TYR A 351 20.84 1.94 24.49
C TYR A 351 22.08 1.68 23.64
N ALA A 352 22.48 0.40 23.61
CA ALA A 352 23.65 -0.02 22.86
C ALA A 352 23.37 -1.38 22.20
N ARG A 353 24.35 -1.84 21.39
CA ARG A 353 24.30 -3.13 20.70
C ARG A 353 23.13 -3.23 19.73
N VAL A 354 23.10 -2.28 18.79
CA VAL A 354 22.12 -2.31 17.71
C VAL A 354 22.81 -1.78 16.46
N ASN A 355 22.26 -2.15 15.30
CA ASN A 355 22.76 -1.68 14.01
C ASN A 355 21.96 -0.43 13.61
N HIS A 356 22.67 0.70 13.50
CA HIS A 356 22.02 1.99 13.38
C HIS A 356 22.01 2.51 11.94
N ASN A 357 22.54 1.75 10.97
CA ASN A 357 22.64 2.25 9.59
C ASN A 357 21.28 2.68 9.04
N LYS A 358 21.29 3.69 8.14
CA LYS A 358 20.10 4.11 7.37
C LYS A 358 20.59 4.43 5.96
N TYR A 359 20.52 3.45 5.07
CA TYR A 359 20.95 3.71 3.69
C TYR A 359 20.23 2.76 2.74
N MET A 360 20.32 3.09 1.46
CA MET A 360 19.75 2.34 0.33
C MET A 360 20.72 2.39 -0.84
N VAL A 361 20.88 1.25 -1.51
CA VAL A 361 21.71 1.21 -2.72
C VAL A 361 20.99 0.37 -3.76
N THR A 362 21.02 0.82 -5.02
CA THR A 362 20.42 0.06 -6.12
C THR A 362 21.51 -0.24 -7.14
N GLU A 363 21.11 -0.80 -8.29
CA GLU A 363 22.15 -1.04 -9.29
C GLU A 363 22.66 0.26 -9.90
N ARG A 364 22.02 1.39 -9.65
CA ARG A 364 22.46 2.63 -10.26
C ARG A 364 22.56 3.82 -9.32
N ALA A 365 22.18 3.69 -8.03
CA ALA A 365 22.12 4.87 -7.18
C ALA A 365 22.52 4.58 -5.74
N THR A 366 23.01 5.63 -5.07
CA THR A 366 23.39 5.62 -3.66
C THR A 366 22.49 6.58 -2.89
N TYR A 367 21.92 6.13 -1.78
CA TYR A 367 21.15 6.97 -0.86
C TYR A 367 21.70 6.75 0.54
N ILE A 368 22.26 7.79 1.16
CA ILE A 368 22.78 7.69 2.52
C ILE A 368 22.04 8.71 3.37
N GLY A 369 21.37 8.25 4.43
CA GLY A 369 20.45 9.10 5.17
C GLY A 369 20.73 9.13 6.66
N THR A 370 19.98 10.02 7.33
CA THR A 370 19.99 10.13 8.79
C THR A 370 18.72 9.60 9.44
N SER A 371 17.64 9.42 8.69
CA SER A 371 16.35 9.11 9.28
C SER A 371 16.03 7.62 9.18
N ASN A 372 15.31 7.12 10.17
CA ASN A 372 14.66 5.81 10.06
C ASN A 372 13.46 5.92 9.12
N TRP A 373 12.91 4.78 8.71
CA TRP A 373 11.93 4.76 7.61
C TRP A 373 10.52 4.53 8.17
N SER A 374 10.01 5.55 8.85
CA SER A 374 8.59 5.70 9.16
C SER A 374 8.19 7.15 8.88
N GLY A 375 6.88 7.42 8.87
CA GLY A 375 6.38 8.61 8.21
C GLY A 375 6.78 9.93 8.87
N ASN A 376 6.88 9.94 10.20
CA ASN A 376 7.16 11.19 10.91
C ASN A 376 8.55 11.73 10.56
N TYR A 377 9.49 10.85 10.20
CA TYR A 377 10.81 11.30 9.79
C TYR A 377 10.77 12.11 8.50
N PHE A 378 9.68 12.03 7.74
CA PHE A 378 9.61 12.72 6.46
C PHE A 378 8.65 13.89 6.46
N THR A 379 7.73 13.94 7.42
CA THR A 379 6.71 14.97 7.52
C THR A 379 6.94 15.96 8.64
N GLU A 380 7.63 15.58 9.74
CA GLU A 380 7.71 16.42 10.94
C GLU A 380 9.12 16.62 11.49
N THR A 381 9.95 15.59 11.36
CA THR A 381 11.29 15.53 11.93
C THR A 381 12.34 15.95 10.93
N ALA A 382 13.46 16.48 11.44
CA ALA A 382 14.54 16.94 10.57
C ALA A 382 15.40 15.77 10.13
N GLY A 383 15.81 15.80 8.86
CA GLY A 383 16.77 14.82 8.42
C GLY A 383 17.39 15.30 7.13
N THR A 384 18.43 14.58 6.70
CA THR A 384 19.17 14.95 5.50
C THR A 384 19.65 13.67 4.82
N SER A 385 19.69 13.69 3.49
CA SER A 385 20.22 12.53 2.78
C SER A 385 21.08 13.00 1.62
N LEU A 386 22.11 12.21 1.30
CA LEU A 386 22.97 12.42 0.14
C LEU A 386 22.58 11.42 -0.94
N LEU A 387 22.43 11.93 -2.18
CA LEU A 387 22.00 11.14 -3.33
C LEU A 387 23.08 11.25 -4.39
N VAL A 388 23.63 10.11 -4.82
CA VAL A 388 24.70 10.10 -5.82
C VAL A 388 24.34 9.11 -6.92
N THR A 389 24.58 9.50 -8.17
CA THR A 389 24.62 8.56 -9.28
C THR A 389 25.91 8.80 -10.05
N GLN A 390 26.47 7.73 -10.58
CA GLN A 390 27.82 7.81 -11.16
C GLN A 390 27.98 6.66 -12.13
N ASN A 391 28.26 6.97 -13.39
CA ASN A 391 28.41 5.93 -14.39
C ASN A 391 29.61 5.05 -14.09
N GLY A 392 29.48 3.76 -14.38
CA GLY A 392 30.62 2.87 -14.32
C GLY A 392 30.60 1.98 -13.10
N ARG A 393 31.66 1.22 -12.98
CA ARG A 393 31.79 0.24 -11.91
C ARG A 393 32.84 0.71 -10.91
N GLY A 394 32.84 0.06 -9.75
CA GLY A 394 33.95 0.16 -8.82
C GLY A 394 34.07 1.47 -8.06
N GLY A 395 32.95 2.13 -7.77
CA GLY A 395 32.99 3.38 -7.04
C GLY A 395 32.27 3.33 -5.71
N LEU A 396 31.78 4.51 -5.27
CA LEU A 396 31.04 4.60 -4.02
C LEU A 396 29.86 3.63 -3.98
N ARG A 397 29.11 3.51 -5.09
CA ARG A 397 27.92 2.67 -5.08
C ARG A 397 28.29 1.20 -4.83
N SER A 398 29.30 0.70 -5.55
CA SER A 398 29.66 -0.70 -5.37
C SER A 398 30.26 -0.95 -3.98
N GLN A 399 30.93 0.05 -3.40
CA GLN A 399 31.44 -0.11 -2.04
C GLN A 399 30.30 -0.23 -1.03
N LEU A 400 29.23 0.53 -1.22
CA LEU A 400 28.11 0.45 -0.29
C LEU A 400 27.34 -0.84 -0.48
N GLU A 401 27.24 -1.32 -1.72
CA GLU A 401 26.61 -2.61 -1.96
C GLU A 401 27.38 -3.74 -1.27
N ALA A 402 28.72 -3.66 -1.28
CA ALA A 402 29.52 -4.72 -0.67
C ALA A 402 29.34 -4.75 0.84
N ILE A 403 29.21 -3.59 1.47
CA ILE A 403 28.89 -3.53 2.89
C ILE A 403 27.53 -4.16 3.16
N PHE A 404 26.53 -3.82 2.35
CA PHE A 404 25.22 -4.42 2.54
C PHE A 404 25.30 -5.94 2.46
N LEU A 405 25.96 -6.46 1.44
CA LEU A 405 26.01 -7.91 1.25
C LEU A 405 26.83 -8.59 2.34
N ARG A 406 27.90 -7.93 2.81
CA ARG A 406 28.64 -8.44 3.96
C ARG A 406 27.71 -8.64 5.15
N ASP A 407 26.94 -7.60 5.51
CA ASP A 407 25.98 -7.71 6.62
C ASP A 407 24.87 -8.71 6.34
N TRP A 408 24.32 -8.68 5.11
CA TRP A 408 23.20 -9.55 4.78
C TRP A 408 23.59 -11.02 4.88
N ASP A 409 24.80 -11.37 4.46
CA ASP A 409 25.26 -12.75 4.47
C ASP A 409 25.85 -13.17 5.80
N SER A 410 26.01 -12.25 6.75
CA SER A 410 26.72 -12.53 7.99
C SER A 410 25.86 -13.40 8.93
N PRO A 411 26.49 -14.03 9.94
CA PRO A 411 25.70 -14.74 10.96
C PRO A 411 24.83 -13.86 11.83
N TYR A 412 24.95 -12.52 11.74
CA TYR A 412 24.12 -11.64 12.54
C TYR A 412 22.77 -11.32 11.89
N SER A 413 22.54 -11.75 10.66
CA SER A 413 21.29 -11.50 9.95
C SER A 413 20.41 -12.73 10.00
N HIS A 414 19.12 -12.57 10.28
CA HIS A 414 18.26 -13.72 10.50
C HIS A 414 16.92 -13.58 9.81
N ASP A 415 16.44 -14.68 9.25
CA ASP A 415 15.10 -14.72 8.69
C ASP A 415 14.07 -14.53 9.80
N LEU A 416 12.86 -14.13 9.38
CA LEU A 416 11.82 -13.78 10.34
C LEU A 416 11.27 -14.99 11.10
N ASP A 417 11.48 -16.21 10.62
CA ASP A 417 11.07 -17.40 11.36
C ASP A 417 12.13 -17.91 12.35
N THR A 418 13.19 -17.14 12.57
CA THR A 418 14.25 -17.55 13.49
C THR A 418 13.76 -17.57 14.93
N SER A 419 14.17 -18.58 15.68
CA SER A 419 13.91 -18.59 17.12
C SER A 419 14.58 -17.40 17.80
N ALA A 420 13.78 -16.64 18.56
CA ALA A 420 14.31 -15.49 19.30
C ALA A 420 15.37 -15.90 20.32
N ASP A 421 15.29 -17.13 20.86
CA ASP A 421 16.23 -17.53 21.90
CA ASP A 421 16.22 -17.59 21.89
C ASP A 421 17.60 -17.89 21.33
N SER A 422 17.82 -17.74 20.03
CA SER A 422 19.06 -18.19 19.43
C SER A 422 19.95 -17.09 18.88
N VAL A 423 19.58 -15.81 18.97
CA VAL A 423 20.29 -14.78 18.20
C VAL A 423 21.32 -13.96 18.99
N GLY A 424 21.41 -14.12 20.30
CA GLY A 424 22.53 -13.53 21.03
C GLY A 424 22.28 -12.17 21.64
N ASN A 425 21.08 -11.61 21.45
CA ASN A 425 20.60 -10.38 22.06
C ASN A 425 19.07 -10.41 22.02
N ALA A 426 18.44 -9.66 22.92
CA ALA A 426 16.99 -9.54 22.88
C ALA A 426 16.53 -9.02 21.53
N CYS A 427 15.42 -9.57 21.03
CA CYS A 427 14.88 -9.13 19.75
C CYS A 427 13.38 -9.32 19.80
N ARG A 428 12.63 -8.22 19.79
CA ARG A 428 11.19 -8.29 19.98
C ARG A 428 10.46 -8.79 18.74
N LEU A 429 11.06 -8.68 17.56
CA LEU A 429 10.42 -8.97 16.29
C LEU A 429 10.50 -10.43 15.87
N LEU A 430 11.05 -11.30 16.71
CA LEU A 430 11.11 -12.73 16.46
C LEU A 430 10.19 -13.44 17.44
N ALA A 431 9.63 -14.57 17.00
CA ALA A 431 8.78 -15.40 17.86
C ALA A 431 9.61 -16.39 18.68
N ALA A 432 8.99 -16.89 19.75
CA ALA A 432 9.60 -17.95 20.55
C ALA A 432 9.66 -19.27 19.80
N GLN A 433 8.83 -19.42 18.76
CA GLN A 433 8.82 -20.61 17.93
C GLN A 433 10.19 -20.87 17.30
N GLN B 12 -31.67 21.44 -1.44
CA GLN B 12 -30.95 20.91 -2.59
C GLN B 12 -30.91 19.38 -2.58
N ARG B 13 -31.44 18.78 -1.51
CA ARG B 13 -31.62 17.33 -1.50
C ARG B 13 -32.64 16.93 -2.57
N PRO B 14 -32.42 15.84 -3.28
CA PRO B 14 -33.38 15.43 -4.32
C PRO B 14 -34.62 14.82 -3.69
N ALA B 15 -35.64 14.65 -4.53
CA ALA B 15 -36.93 14.15 -4.08
C ALA B 15 -36.80 12.73 -3.52
N PRO B 16 -37.49 12.41 -2.43
CA PRO B 16 -37.55 11.01 -1.98
C PRO B 16 -38.43 10.17 -2.91
N CYS B 17 -38.30 8.86 -2.74
CA CYS B 17 -39.14 7.89 -3.45
C CYS B 17 -40.27 7.44 -2.54
N TYR B 18 -41.46 7.32 -3.11
CA TYR B 18 -42.65 6.92 -2.37
C TYR B 18 -43.05 5.47 -2.62
N ASP B 19 -42.29 4.73 -3.41
CA ASP B 19 -42.67 3.37 -3.75
C ASP B 19 -42.44 2.42 -2.58
N PRO B 20 -43.24 1.36 -2.48
CA PRO B 20 -43.05 0.37 -1.40
C PRO B 20 -41.95 -0.64 -1.75
N CYS B 21 -40.72 -0.15 -1.81
CA CYS B 21 -39.58 -0.98 -2.22
C CYS B 21 -39.40 -2.18 -1.30
N GLU B 22 -39.11 -3.34 -1.89
CA GLU B 22 -38.90 -4.57 -1.15
CA GLU B 22 -38.91 -4.58 -1.15
C GLU B 22 -37.73 -5.32 -1.78
N ALA B 23 -36.70 -5.61 -0.98
CA ALA B 23 -35.50 -6.28 -1.45
C ALA B 23 -35.44 -7.73 -0.98
N VAL B 24 -35.04 -8.61 -1.89
CA VAL B 24 -34.90 -10.05 -1.61
C VAL B 24 -33.53 -10.51 -2.10
N LEU B 25 -32.71 -11.03 -1.19
CA LEU B 25 -31.46 -11.67 -1.62
C LEU B 25 -31.77 -13.01 -2.28
N VAL B 26 -31.19 -13.28 -3.46
CA VAL B 26 -31.41 -14.54 -4.16
C VAL B 26 -30.06 -15.16 -4.49
N GLU B 27 -29.97 -16.48 -4.30
CA GLU B 27 -28.73 -17.20 -4.49
C GLU B 27 -28.94 -18.36 -5.45
N SER B 28 -27.85 -18.77 -6.10
CA SER B 28 -27.79 -20.10 -6.70
C SER B 28 -26.86 -20.95 -5.85
N ILE B 29 -27.35 -22.11 -5.40
CA ILE B 29 -26.55 -23.03 -4.62
C ILE B 29 -26.27 -24.26 -5.48
N PRO B 30 -25.01 -24.53 -5.84
CA PRO B 30 -24.73 -25.64 -6.77
C PRO B 30 -25.16 -26.97 -6.20
N GLU B 31 -25.58 -27.88 -7.09
CA GLU B 31 -25.95 -29.21 -6.66
C GLU B 31 -24.81 -29.84 -5.86
N GLY B 32 -25.17 -30.38 -4.68
CA GLY B 32 -24.24 -31.03 -3.79
C GLY B 32 -23.75 -30.16 -2.64
N LEU B 33 -23.91 -28.84 -2.72
CA LEU B 33 -23.43 -27.93 -1.69
C LEU B 33 -24.46 -27.86 -0.56
N ASP B 34 -24.15 -28.45 0.60
CA ASP B 34 -25.10 -28.53 1.70
C ASP B 34 -24.68 -27.60 2.84
N PHE B 35 -25.63 -26.82 3.34
CA PHE B 35 -25.45 -26.04 4.57
C PHE B 35 -26.49 -26.49 5.58
N PRO B 36 -26.12 -27.30 6.58
CA PRO B 36 -27.10 -27.79 7.55
C PRO B 36 -27.83 -26.67 8.28
N ASN B 37 -29.14 -26.58 8.04
CA ASN B 37 -30.12 -25.79 8.79
C ASN B 37 -29.99 -24.28 8.48
N ALA B 38 -29.31 -23.90 7.41
CA ALA B 38 -29.20 -22.48 7.10
C ALA B 38 -30.30 -22.04 6.14
N GLY B 41 -32.45 -19.90 3.89
CA GLY B 41 -33.60 -20.18 3.05
C GLY B 41 -34.08 -19.02 2.19
N ASN B 42 -33.31 -18.72 1.08
CA ASN B 42 -33.64 -17.68 0.10
C ASN B 42 -34.25 -18.30 -1.17
N PRO B 43 -35.17 -17.61 -1.85
CA PRO B 43 -35.57 -18.04 -3.19
C PRO B 43 -34.36 -18.13 -4.11
N SER B 44 -34.35 -19.13 -4.99
CA SER B 44 -33.21 -19.30 -5.88
C SER B 44 -33.24 -18.26 -6.99
N THR B 45 -32.07 -18.07 -7.63
CA THR B 45 -32.02 -17.20 -8.81
C THR B 45 -33.02 -17.66 -9.85
N SER B 46 -33.04 -18.97 -10.12
CA SER B 46 -34.00 -19.53 -11.07
C SER B 46 -35.43 -19.14 -10.75
N GLN B 47 -35.85 -19.34 -9.49
CA GLN B 47 -37.22 -19.02 -9.11
C GLN B 47 -37.51 -17.55 -9.25
N ALA B 48 -36.57 -16.69 -8.83
CA ALA B 48 -36.81 -15.27 -8.88
C ALA B 48 -36.90 -14.76 -10.32
N TRP B 49 -36.02 -15.26 -11.19
CA TRP B 49 -36.09 -14.87 -12.59
C TRP B 49 -37.39 -15.34 -13.24
N LEU B 50 -37.82 -16.56 -12.96
CA LEU B 50 -39.08 -17.02 -13.54
C LEU B 50 -40.24 -16.16 -13.06
N GLY B 51 -40.24 -15.76 -11.79
CA GLY B 51 -41.28 -14.87 -11.30
C GLY B 51 -41.28 -13.53 -12.01
N LEU B 52 -40.10 -12.93 -12.17
CA LEU B 52 -40.01 -11.65 -12.90
C LEU B 52 -40.55 -11.80 -14.32
N LEU B 53 -40.15 -12.88 -15.01
CA LEU B 53 -40.61 -13.11 -16.40
C LEU B 53 -42.11 -13.30 -16.46
N ALA B 54 -42.69 -14.06 -15.52
CA ALA B 54 -44.12 -14.31 -15.57
C ALA B 54 -44.92 -13.03 -15.38
N GLY B 55 -44.43 -12.11 -14.55
CA GLY B 55 -45.15 -10.88 -14.28
C GLY B 55 -44.88 -9.72 -15.23
N ALA B 56 -43.91 -9.87 -16.12
CA ALA B 56 -43.49 -8.76 -16.98
C ALA B 56 -44.60 -8.43 -17.97
N HIS B 57 -45.03 -7.17 -18.00
CA HIS B 57 -46.11 -6.74 -18.87
C HIS B 57 -45.73 -5.70 -19.91
N SER B 58 -44.64 -4.96 -19.74
CA SER B 58 -44.35 -3.96 -20.76
C SER B 58 -42.88 -3.83 -21.16
N SER B 59 -41.91 -4.13 -20.30
CA SER B 59 -40.53 -3.91 -20.73
C SER B 59 -39.59 -4.80 -19.93
N LEU B 60 -38.54 -5.26 -20.61
CA LEU B 60 -37.44 -6.00 -19.98
C LEU B 60 -36.13 -5.55 -20.60
N ASP B 61 -35.23 -5.00 -19.78
CA ASP B 61 -33.87 -4.66 -20.19
C ASP B 61 -32.90 -5.59 -19.48
N ILE B 62 -31.95 -6.15 -20.23
CA ILE B 62 -30.96 -7.05 -19.66
C ILE B 62 -29.59 -6.56 -20.07
N ALA B 63 -28.75 -6.21 -19.10
CA ALA B 63 -27.32 -6.06 -19.32
C ALA B 63 -26.67 -7.43 -19.11
N SER B 64 -25.80 -7.83 -20.03
CA SER B 64 -25.28 -9.19 -19.94
C SER B 64 -23.87 -9.29 -20.49
N PHE B 65 -23.14 -10.27 -19.98
CA PHE B 65 -21.80 -10.61 -20.39
C PHE B 65 -21.79 -11.66 -21.51
N TYR B 66 -22.55 -12.75 -21.35
CA TYR B 66 -22.64 -13.78 -22.39
C TYR B 66 -23.93 -14.58 -22.15
N TRP B 67 -24.32 -15.37 -23.16
CA TRP B 67 -25.52 -16.18 -23.10
C TRP B 67 -25.17 -17.63 -23.39
N THR B 68 -25.34 -18.53 -22.40
CA THR B 68 -25.24 -20.00 -22.64
C THR B 68 -26.34 -20.67 -21.82
N LEU B 69 -27.59 -20.47 -22.21
CA LEU B 69 -28.69 -21.01 -21.41
C LEU B 69 -29.03 -22.47 -21.72
N THR B 70 -28.38 -23.10 -22.71
CA THR B 70 -28.75 -24.46 -23.10
C THR B 70 -27.56 -25.43 -23.08
N ASN B 71 -27.91 -26.72 -23.10
CA ASN B 71 -26.89 -27.77 -23.21
C ASN B 71 -26.13 -27.65 -24.52
N ASN B 72 -26.85 -27.45 -25.63
CA ASN B 72 -26.17 -27.32 -26.91
C ASN B 72 -25.19 -26.15 -26.92
N ASP B 73 -25.51 -25.06 -26.21
CA ASP B 73 -24.58 -23.93 -26.12
C ASP B 73 -23.24 -24.36 -25.52
N THR B 74 -23.28 -25.19 -24.48
CA THR B 74 -22.07 -25.61 -23.79
C THR B 74 -21.56 -26.97 -24.23
N HIS B 75 -22.19 -27.58 -25.25
CA HIS B 75 -21.80 -28.90 -25.76
C HIS B 75 -21.82 -29.96 -24.66
N THR B 76 -22.80 -29.86 -23.77
CA THR B 76 -22.98 -30.83 -22.69
C THR B 76 -24.29 -31.60 -22.86
N GLN B 77 -24.47 -32.59 -21.99
CA GLN B 77 -25.73 -33.33 -21.89
C GLN B 77 -26.07 -33.49 -20.40
N GLU B 78 -26.17 -32.37 -19.73
CA GLU B 78 -26.41 -32.33 -18.30
C GLU B 78 -27.87 -32.10 -18.01
N PRO B 79 -28.52 -32.96 -17.22
CA PRO B 79 -29.90 -32.68 -16.82
C PRO B 79 -30.04 -31.39 -16.03
N SER B 80 -28.99 -30.97 -15.30
CA SER B 80 -29.11 -29.76 -14.50
C SER B 80 -29.10 -28.49 -15.35
N ALA B 81 -29.04 -28.63 -16.68
CA ALA B 81 -29.19 -27.47 -17.56
C ALA B 81 -30.65 -27.10 -17.81
N GLN B 82 -31.59 -27.91 -17.32
CA GLN B 82 -32.98 -27.68 -17.70
C GLN B 82 -33.55 -26.38 -17.12
N GLN B 83 -33.05 -25.92 -15.98
CA GLN B 83 -33.56 -24.66 -15.45
C GLN B 83 -33.19 -23.50 -16.37
N GLY B 84 -31.94 -23.49 -16.87
CA GLY B 84 -31.56 -22.45 -17.81
C GLY B 84 -32.36 -22.53 -19.10
N GLU B 85 -32.64 -23.74 -19.55
CA GLU B 85 -33.40 -23.92 -20.77
C GLU B 85 -34.84 -23.42 -20.59
N GLU B 86 -35.40 -23.56 -19.39
CA GLU B 86 -36.74 -23.05 -19.16
C GLU B 86 -36.74 -21.52 -19.11
N VAL B 87 -35.70 -20.93 -18.52
CA VAL B 87 -35.56 -19.48 -18.55
C VAL B 87 -35.56 -18.98 -19.98
N LEU B 88 -34.81 -19.65 -20.87
CA LEU B 88 -34.79 -19.20 -22.26
C LEU B 88 -36.16 -19.38 -22.90
N ARG B 89 -36.82 -20.52 -22.66
CA ARG B 89 -38.15 -20.70 -23.21
C ARG B 89 -39.11 -19.60 -22.76
N GLN B 90 -39.03 -19.18 -21.50
CA GLN B 90 -39.95 -18.13 -21.04
C GLN B 90 -39.56 -16.77 -21.60
N LEU B 91 -38.25 -16.49 -21.71
CA LEU B 91 -37.82 -15.24 -22.34
C LEU B 91 -38.40 -15.11 -23.74
N GLN B 92 -38.48 -16.22 -24.47
CA GLN B 92 -39.00 -16.18 -25.83
C GLN B 92 -40.48 -15.82 -25.92
N THR B 93 -41.21 -15.86 -24.81
CA THR B 93 -42.64 -15.57 -24.87
C THR B 93 -42.96 -14.09 -24.68
N LEU B 94 -41.98 -13.27 -24.27
CA LEU B 94 -42.26 -11.91 -23.82
C LEU B 94 -42.56 -10.97 -24.98
N ALA B 95 -41.70 -10.94 -25.99
CA ALA B 95 -41.93 -10.03 -27.11
C ALA B 95 -43.22 -10.35 -27.86
N PRO B 96 -43.56 -11.62 -28.15
CA PRO B 96 -44.85 -11.87 -28.81
C PRO B 96 -46.03 -11.38 -28.00
N LYS B 97 -45.90 -11.31 -26.68
CA LYS B 97 -46.98 -10.86 -25.84
C LYS B 97 -46.97 -9.36 -25.62
N GLY B 98 -46.10 -8.64 -26.34
CA GLY B 98 -46.08 -7.19 -26.31
C GLY B 98 -45.02 -6.57 -25.45
N VAL B 99 -44.20 -7.36 -24.77
CA VAL B 99 -43.16 -6.82 -23.91
C VAL B 99 -42.01 -6.33 -24.78
N ASN B 100 -41.58 -5.08 -24.55
CA ASN B 100 -40.39 -4.55 -25.20
C ASN B 100 -39.14 -5.13 -24.53
N VAL B 101 -38.45 -6.03 -25.22
CA VAL B 101 -37.25 -6.69 -24.70
C VAL B 101 -36.04 -6.07 -25.37
N ARG B 102 -35.11 -5.55 -24.56
CA ARG B 102 -33.86 -4.98 -25.04
C ARG B 102 -32.72 -5.67 -24.31
N ILE B 103 -31.82 -6.30 -25.05
CA ILE B 103 -30.71 -7.06 -24.47
C ILE B 103 -29.40 -6.46 -24.96
N ALA B 104 -28.57 -5.99 -24.02
CA ALA B 104 -27.21 -5.56 -24.32
C ALA B 104 -26.24 -6.67 -23.91
N VAL B 105 -25.29 -6.99 -24.79
CA VAL B 105 -24.39 -8.11 -24.52
C VAL B 105 -22.98 -7.70 -24.93
N SER B 106 -22.00 -8.11 -24.13
CA SER B 106 -20.60 -7.87 -24.47
C SER B 106 -20.23 -8.52 -25.80
N LYS B 107 -19.52 -7.78 -26.63
CA LYS B 107 -18.97 -8.35 -27.86
C LYS B 107 -17.95 -9.42 -27.52
N PRO B 108 -18.05 -10.63 -28.07
CA PRO B 108 -17.09 -11.67 -27.74
C PRO B 108 -15.71 -11.40 -28.32
N SER B 109 -14.70 -11.98 -27.67
CA SER B 109 -13.32 -11.79 -28.11
C SER B 109 -13.16 -12.17 -29.57
N GLY B 110 -13.64 -13.35 -29.94
CA GLY B 110 -13.63 -13.79 -31.32
C GLY B 110 -14.99 -14.31 -31.74
N PRO B 111 -15.11 -14.73 -33.00
CA PRO B 111 -16.36 -15.34 -33.46
C PRO B 111 -16.84 -16.44 -32.53
N GLN B 112 -18.14 -16.40 -32.22
CA GLN B 112 -18.82 -17.37 -31.37
C GLN B 112 -20.26 -17.46 -31.86
N PRO B 113 -20.86 -18.64 -31.88
CA PRO B 113 -22.30 -18.72 -32.19
C PRO B 113 -23.11 -18.06 -31.08
N GLN B 114 -24.28 -17.56 -31.45
CA GLN B 114 -25.17 -16.90 -30.50
C GLN B 114 -26.57 -17.48 -30.63
N ALA B 115 -26.69 -18.78 -30.32
CA ALA B 115 -27.96 -19.49 -30.48
C ALA B 115 -29.06 -18.83 -29.64
N ASP B 116 -28.77 -18.52 -28.39
CA ASP B 116 -29.78 -17.93 -27.52
C ASP B 116 -30.30 -16.61 -28.09
N LEU B 117 -29.37 -15.71 -28.43
CA LEU B 117 -29.79 -14.37 -28.86
C LEU B 117 -30.48 -14.42 -30.22
N GLN B 118 -30.09 -15.37 -31.07
CA GLN B 118 -30.80 -15.59 -32.34
C GLN B 118 -32.23 -16.01 -32.08
N ALA B 119 -32.43 -16.92 -31.12
CA ALA B 119 -33.80 -17.30 -30.78
C ALA B 119 -34.56 -16.12 -30.19
N LEU B 120 -33.90 -15.27 -29.41
CA LEU B 120 -34.61 -14.12 -28.87
C LEU B 120 -34.90 -13.08 -29.95
N LEU B 121 -33.95 -12.87 -30.87
CA LEU B 121 -34.23 -12.00 -32.01
C LEU B 121 -35.43 -12.52 -32.80
N GLN B 122 -35.48 -13.82 -33.03
CA GLN B 122 -36.56 -14.37 -33.83
C GLN B 122 -37.90 -14.18 -33.15
N SER B 123 -37.92 -14.20 -31.82
CA SER B 123 -39.15 -13.96 -31.08
C SER B 123 -39.57 -12.50 -31.07
N GLY B 124 -38.73 -11.58 -31.56
CA GLY B 124 -39.05 -10.17 -31.58
C GLY B 124 -38.29 -9.33 -30.58
N ALA B 125 -37.37 -9.90 -29.82
CA ALA B 125 -36.58 -9.10 -28.91
C ALA B 125 -35.56 -8.29 -29.70
N GLN B 126 -35.11 -7.18 -29.09
CA GLN B 126 -34.02 -6.38 -29.64
C GLN B 126 -32.73 -6.76 -28.95
N VAL B 127 -31.66 -6.93 -29.73
CA VAL B 127 -30.36 -7.31 -29.19
C VAL B 127 -29.30 -6.37 -29.76
N ARG B 128 -28.43 -5.87 -28.89
CA ARG B 128 -27.33 -5.03 -29.33
C ARG B 128 -26.04 -5.52 -28.68
N MET B 129 -24.99 -5.61 -29.48
CA MET B 129 -23.68 -6.03 -29.01
C MET B 129 -22.81 -4.81 -28.78
N VAL B 130 -22.19 -4.73 -27.59
CA VAL B 130 -21.42 -3.55 -27.18
C VAL B 130 -19.94 -3.90 -27.26
N ASP B 131 -19.20 -3.14 -28.05
CA ASP B 131 -17.77 -3.38 -28.26
C ASP B 131 -16.98 -2.54 -27.25
N MET B 132 -17.00 -3.02 -26.00
CA MET B 132 -16.27 -2.32 -24.95
C MET B 132 -14.76 -2.40 -25.14
N GLN B 133 -14.27 -3.43 -25.83
CA GLN B 133 -12.85 -3.51 -26.12
C GLN B 133 -12.41 -2.30 -26.93
N LYS B 134 -13.16 -2.00 -27.99
CA LYS B 134 -12.85 -0.82 -28.79
C LYS B 134 -13.07 0.46 -27.99
N LEU B 135 -14.15 0.53 -27.21
CA LEU B 135 -14.53 1.80 -26.59
C LEU B 135 -13.59 2.16 -25.44
N THR B 136 -13.29 1.20 -24.55
CA THR B 136 -12.56 1.49 -23.33
C THR B 136 -11.47 0.47 -23.01
N HIS B 137 -11.18 -0.47 -23.91
CA HIS B 137 -10.30 -1.63 -23.64
C HIS B 137 -10.84 -2.55 -22.55
N GLY B 138 -12.15 -2.54 -22.31
CA GLY B 138 -12.73 -3.43 -21.32
C GLY B 138 -13.73 -4.39 -21.95
N VAL B 139 -14.63 -4.94 -21.13
CA VAL B 139 -15.72 -5.79 -21.59
C VAL B 139 -16.98 -5.39 -20.82
N LEU B 140 -18.13 -5.73 -21.38
CA LEU B 140 -19.41 -5.43 -20.73
C LEU B 140 -19.69 -6.57 -19.76
N HIS B 141 -19.25 -6.42 -18.51
CA HIS B 141 -19.32 -7.49 -17.53
C HIS B 141 -20.57 -7.44 -16.66
N THR B 142 -21.27 -6.30 -16.66
CA THR B 142 -22.45 -6.09 -15.82
C THR B 142 -23.51 -7.16 -16.05
N LYS B 143 -24.19 -7.56 -14.96
CA LYS B 143 -25.36 -8.44 -15.04
C LYS B 143 -26.51 -7.76 -14.29
N PHE B 144 -27.53 -7.29 -15.01
CA PHE B 144 -28.75 -6.89 -14.33
C PHE B 144 -29.95 -7.02 -15.28
N TRP B 145 -31.13 -7.08 -14.68
CA TRP B 145 -32.42 -6.99 -15.37
C TRP B 145 -33.19 -5.80 -14.81
N VAL B 146 -33.90 -5.07 -15.67
CA VAL B 146 -34.89 -4.09 -15.23
C VAL B 146 -36.22 -4.47 -15.88
N VAL B 147 -37.22 -4.74 -15.05
CA VAL B 147 -38.50 -5.29 -15.48
C VAL B 147 -39.58 -4.24 -15.28
N ASP B 148 -40.22 -3.83 -16.38
CA ASP B 148 -41.38 -2.95 -16.31
C ASP B 148 -41.05 -1.62 -15.61
N GLN B 149 -39.79 -1.19 -15.65
CA GLN B 149 -39.39 0.05 -14.98
C GLN B 149 -39.82 0.07 -13.51
N THR B 150 -39.87 -1.12 -12.90
CA THR B 150 -40.43 -1.26 -11.55
C THR B 150 -39.57 -2.15 -10.66
N HIS B 151 -39.12 -3.29 -11.19
CA HIS B 151 -38.29 -4.25 -10.47
C HIS B 151 -36.92 -4.38 -11.14
N PHE B 152 -35.92 -4.81 -10.36
CA PHE B 152 -34.66 -5.15 -10.99
C PHE B 152 -33.93 -6.26 -10.24
N TYR B 153 -33.14 -7.02 -11.00
CA TYR B 153 -32.18 -7.99 -10.48
C TYR B 153 -30.79 -7.42 -10.69
N LEU B 154 -29.97 -7.45 -9.65
CA LEU B 154 -28.57 -7.07 -9.76
C LEU B 154 -27.74 -8.10 -8.98
N GLY B 155 -26.67 -8.61 -9.59
CA GLY B 155 -25.92 -9.65 -8.90
C GLY B 155 -24.91 -10.33 -9.81
N SER B 156 -24.45 -11.49 -9.36
CA SER B 156 -23.33 -12.16 -10.01
C SER B 156 -23.76 -13.08 -11.15
N ALA B 157 -25.02 -13.48 -11.22
CA ALA B 157 -25.40 -14.55 -12.14
C ALA B 157 -25.42 -14.07 -13.59
N ASN B 158 -24.71 -14.80 -14.46
CA ASN B 158 -24.77 -14.60 -15.90
C ASN B 158 -26.01 -15.29 -16.51
N MET B 159 -26.30 -14.96 -17.77
CA MET B 159 -27.37 -15.63 -18.52
C MET B 159 -26.87 -17.00 -18.99
N ASP B 160 -26.74 -17.88 -18.01
CA ASP B 160 -25.97 -19.11 -18.14
C ASP B 160 -26.70 -20.19 -17.35
N TRP B 161 -27.01 -21.33 -17.98
CA TRP B 161 -27.67 -22.37 -17.21
C TRP B 161 -26.79 -22.80 -16.04
N ARG B 162 -25.48 -22.69 -16.19
CA ARG B 162 -24.57 -23.05 -15.10
C ARG B 162 -24.72 -22.10 -13.91
N SER B 163 -25.11 -20.85 -14.15
CA SER B 163 -25.36 -19.87 -13.10
C SER B 163 -26.55 -20.22 -12.23
N LEU B 164 -27.34 -21.21 -12.61
CA LEU B 164 -28.48 -21.60 -11.79
C LEU B 164 -28.21 -22.84 -10.93
N THR B 165 -27.52 -23.85 -11.48
CA THR B 165 -27.38 -25.13 -10.82
C THR B 165 -25.95 -25.58 -10.56
N GLN B 166 -24.93 -24.94 -11.15
CA GLN B 166 -23.58 -25.47 -11.04
C GLN B 166 -22.55 -24.46 -10.56
N VAL B 167 -22.95 -23.23 -10.33
CA VAL B 167 -22.03 -22.26 -9.73
CA VAL B 167 -22.06 -22.18 -9.81
C VAL B 167 -22.80 -21.49 -8.67
N LYS B 168 -22.08 -21.11 -7.63
CA LYS B 168 -22.72 -20.38 -6.54
C LYS B 168 -22.82 -18.90 -6.94
N GLU B 169 -24.01 -18.31 -6.76
CA GLU B 169 -24.28 -16.92 -7.15
C GLU B 169 -24.94 -16.17 -6.02
N LEU B 170 -24.75 -14.84 -6.01
CA LEU B 170 -25.42 -13.96 -5.06
C LEU B 170 -25.92 -12.73 -5.80
N GLY B 171 -27.20 -12.41 -5.62
CA GLY B 171 -27.75 -11.20 -6.20
C GLY B 171 -28.89 -10.70 -5.36
N VAL B 172 -29.49 -9.59 -5.80
CA VAL B 172 -30.67 -9.06 -5.15
C VAL B 172 -31.72 -8.73 -6.19
N VAL B 173 -32.98 -8.99 -5.85
CA VAL B 173 -34.10 -8.46 -6.63
C VAL B 173 -34.77 -7.40 -5.77
N MET B 174 -34.85 -6.19 -6.32
CA MET B 174 -35.61 -5.11 -5.72
C MET B 174 -36.95 -5.02 -6.44
N TYR B 175 -38.05 -5.25 -5.71
CA TYR B 175 -39.41 -5.19 -6.22
C TYR B 175 -40.08 -3.85 -5.87
N ASN B 176 -41.12 -3.50 -6.64
CA ASN B 176 -42.02 -2.41 -6.27
C ASN B 176 -41.24 -1.10 -6.05
N CYS B 177 -40.19 -0.84 -6.83
CA CYS B 177 -39.27 0.27 -6.53
C CYS B 177 -38.96 1.07 -7.81
N SER B 178 -39.98 1.72 -8.38
CA SER B 178 -39.83 2.32 -9.71
C SER B 178 -38.76 3.43 -9.76
N CYS B 179 -38.66 4.28 -8.73
CA CYS B 179 -37.68 5.37 -8.78
CA CYS B 179 -37.68 5.37 -8.78
C CYS B 179 -36.28 4.80 -9.02
N LEU B 180 -35.91 3.77 -8.26
CA LEU B 180 -34.58 3.19 -8.39
C LEU B 180 -34.45 2.35 -9.67
N ALA B 181 -35.52 1.67 -10.08
CA ALA B 181 -35.50 0.95 -11.35
C ALA B 181 -35.27 1.90 -12.52
N ARG B 182 -35.98 3.05 -12.55
CA ARG B 182 -35.71 4.04 -13.58
C ARG B 182 -34.28 4.58 -13.49
N ASP B 183 -33.74 4.64 -12.27
CA ASP B 183 -32.36 5.10 -12.14
C ASP B 183 -31.40 4.08 -12.75
N LEU B 184 -31.66 2.78 -12.54
CA LEU B 184 -30.82 1.76 -13.12
C LEU B 184 -30.92 1.74 -14.64
N THR B 185 -32.10 2.04 -15.18
CA THR B 185 -32.25 2.07 -16.63
C THR B 185 -31.34 3.10 -17.28
N LYS B 186 -31.03 4.19 -16.57
CA LYS B 186 -30.12 5.19 -17.13
C LYS B 186 -28.74 4.60 -17.39
N ILE B 187 -28.30 3.69 -16.51
CA ILE B 187 -27.05 2.97 -16.75
C ILE B 187 -27.22 2.05 -17.95
N PHE B 188 -28.34 1.33 -18.01
CA PHE B 188 -28.60 0.48 -19.18
C PHE B 188 -28.59 1.30 -20.48
N GLU B 189 -29.16 2.50 -20.45
CA GLU B 189 -29.28 3.28 -21.68
CA GLU B 189 -29.28 3.28 -21.68
C GLU B 189 -27.91 3.60 -22.27
N ALA B 190 -26.87 3.72 -21.44
CA ALA B 190 -25.54 3.94 -21.99
C ALA B 190 -25.05 2.72 -22.75
N TYR B 191 -25.24 1.51 -22.18
CA TYR B 191 -24.94 0.29 -22.94
C TYR B 191 -25.73 0.27 -24.24
N TRP B 192 -27.03 0.60 -24.15
CA TRP B 192 -27.90 0.50 -25.31
C TRP B 192 -27.47 1.44 -26.42
N PHE B 193 -27.07 2.66 -26.06
CA PHE B 193 -26.59 3.63 -27.06
C PHE B 193 -25.30 3.14 -27.70
N LEU B 194 -24.33 2.71 -26.88
CA LEU B 194 -23.03 2.30 -27.38
C LEU B 194 -23.07 1.02 -28.19
N GLY B 195 -24.12 0.21 -28.06
CA GLY B 195 -24.27 -0.96 -28.91
C GLY B 195 -24.74 -0.69 -30.32
N GLN B 196 -24.89 0.57 -30.69
CA GLN B 196 -25.31 0.92 -32.06
C GLN B 196 -24.08 1.12 -32.94
N ALA B 197 -24.16 0.66 -34.19
CA ALA B 197 -23.07 0.85 -35.13
C ALA B 197 -22.69 2.33 -35.21
N GLY B 198 -21.38 2.60 -35.21
CA GLY B 198 -20.90 3.98 -35.31
C GLY B 198 -20.90 4.77 -34.03
N SER B 199 -21.24 4.14 -32.89
CA SER B 199 -21.25 4.86 -31.63
C SER B 199 -19.83 5.22 -31.19
N SER B 200 -19.74 6.24 -30.34
CA SER B 200 -18.52 6.56 -29.64
C SER B 200 -18.90 7.19 -28.32
N ILE B 201 -17.97 7.15 -27.36
CA ILE B 201 -18.19 7.80 -26.08
C ILE B 201 -18.38 9.30 -26.32
N PRO B 202 -19.50 9.88 -25.93
CA PRO B 202 -19.65 11.34 -26.08
C PRO B 202 -18.80 12.08 -25.06
N SER B 203 -18.15 13.17 -25.51
CA SER B 203 -17.32 13.97 -24.61
C SER B 203 -18.11 14.36 -23.36
N THR B 204 -19.38 14.76 -23.54
CA THR B 204 -20.30 14.93 -22.42
C THR B 204 -21.58 14.16 -22.67
N TRP B 205 -21.98 13.35 -21.71
CA TRP B 205 -23.24 12.62 -21.84
C TRP B 205 -24.41 13.58 -21.76
N PRO B 206 -25.42 13.42 -22.62
CA PRO B 206 -26.62 14.24 -22.51
C PRO B 206 -27.26 14.11 -21.12
N ARG B 207 -28.01 15.16 -20.77
CA ARG B 207 -28.54 15.31 -19.42
C ARG B 207 -29.47 14.16 -19.04
N PHE B 208 -30.16 13.55 -20.02
CA PHE B 208 -31.08 12.49 -19.61
C PHE B 208 -30.37 11.26 -19.05
N TYR B 209 -29.06 11.15 -19.23
CA TYR B 209 -28.31 10.09 -18.57
C TYR B 209 -27.96 10.42 -17.12
N ASP B 210 -27.98 11.71 -16.74
CA ASP B 210 -27.54 12.15 -15.42
C ASP B 210 -28.46 11.62 -14.33
N THR B 211 -27.92 11.50 -13.13
CA THR B 211 -28.73 11.16 -11.96
C THR B 211 -28.47 12.12 -10.82
N ARG B 212 -29.49 12.32 -9.99
CA ARG B 212 -29.41 13.07 -8.75
C ARG B 212 -29.06 12.21 -7.56
N TYR B 213 -29.04 10.89 -7.71
CA TYR B 213 -28.95 9.97 -6.58
C TYR B 213 -27.58 9.30 -6.59
N ASN B 214 -26.78 9.61 -5.56
CA ASN B 214 -25.38 9.26 -5.58
C ASN B 214 -24.87 9.23 -4.14
N GLN B 215 -23.56 9.02 -3.99
CA GLN B 215 -22.95 8.93 -2.66
C GLN B 215 -23.25 10.16 -1.81
N GLU B 216 -23.18 11.36 -2.41
CA GLU B 216 -23.42 12.58 -1.64
C GLU B 216 -24.88 12.74 -1.26
N THR B 217 -25.81 12.45 -2.18
CA THR B 217 -27.23 12.52 -1.90
C THR B 217 -27.90 11.23 -2.38
N PRO B 218 -27.91 10.18 -1.56
CA PRO B 218 -28.56 8.93 -1.99
C PRO B 218 -30.07 9.08 -2.04
N MET B 219 -30.73 8.12 -2.71
CA MET B 219 -32.18 8.11 -2.75
C MET B 219 -32.76 7.67 -1.41
N GLU B 220 -33.68 8.49 -0.88
CA GLU B 220 -34.48 8.09 0.27
C GLU B 220 -35.60 7.18 -0.22
N ILE B 221 -35.56 5.92 0.19
CA ILE B 221 -36.58 4.96 -0.17
C ILE B 221 -37.19 4.38 1.10
N CYS B 222 -38.36 3.79 0.93
CA CYS B 222 -39.00 2.99 1.97
C CYS B 222 -38.71 1.54 1.62
N LEU B 223 -37.81 0.91 2.38
CA LEU B 223 -37.30 -0.42 2.06
C LEU B 223 -37.83 -1.41 3.09
N ASN B 224 -38.75 -2.26 2.67
CA ASN B 224 -39.39 -3.20 3.59
C ASN B 224 -39.99 -2.48 4.78
N GLY B 225 -40.58 -1.31 4.54
CA GLY B 225 -41.37 -0.62 5.54
C GLY B 225 -40.64 0.37 6.43
N THR B 226 -39.33 0.57 6.28
CA THR B 226 -38.59 1.53 7.09
C THR B 226 -37.65 2.32 6.18
N PRO B 227 -37.29 3.56 6.55
CA PRO B 227 -36.46 4.37 5.66
C PRO B 227 -35.10 3.74 5.42
N ALA B 228 -34.58 3.97 4.21
CA ALA B 228 -33.25 3.53 3.85
C ALA B 228 -32.71 4.53 2.85
N LEU B 229 -31.39 4.48 2.65
CA LEU B 229 -30.70 5.31 1.67
C LEU B 229 -30.06 4.39 0.64
N ALA B 230 -30.34 4.62 -0.64
CA ALA B 230 -29.89 3.69 -1.67
C ALA B 230 -29.35 4.47 -2.85
N TYR B 231 -28.29 3.96 -3.47
CA TYR B 231 -27.89 4.51 -4.76
C TYR B 231 -27.17 3.43 -5.56
N LEU B 232 -26.98 3.73 -6.84
CA LEU B 232 -26.42 2.78 -7.79
C LEU B 232 -25.18 3.42 -8.37
N ALA B 233 -24.05 2.72 -8.27
CA ALA B 233 -22.77 3.17 -8.80
C ALA B 233 -22.46 2.37 -10.07
N SER B 234 -21.63 2.94 -10.95
CA SER B 234 -21.37 2.28 -12.22
CA SER B 234 -21.38 2.35 -12.26
C SER B 234 -19.92 2.51 -12.64
N ALA B 235 -19.44 1.61 -13.49
CA ALA B 235 -18.10 1.63 -14.06
C ALA B 235 -18.23 1.34 -15.55
N PRO B 236 -17.22 1.73 -16.36
CA PRO B 236 -15.97 2.45 -16.07
C PRO B 236 -16.17 3.98 -16.15
N PRO B 237 -15.15 4.79 -15.88
CA PRO B 237 -15.34 6.26 -15.81
C PRO B 237 -15.87 6.87 -17.10
N PRO B 238 -15.41 6.45 -18.29
CA PRO B 238 -15.97 7.09 -19.51
C PRO B 238 -17.47 6.92 -19.68
N LEU B 239 -18.11 5.97 -18.98
CA LEU B 239 -19.55 5.79 -19.13
C LEU B 239 -20.32 6.52 -18.04
N PRO B 241 -21.99 9.57 -16.46
CA PRO B 241 -22.46 10.93 -16.72
C PRO B 241 -22.41 11.76 -15.44
N SER B 242 -22.66 13.06 -15.56
CA SER B 242 -22.73 13.93 -14.39
CA SER B 242 -22.73 13.93 -14.39
C SER B 242 -23.67 13.35 -13.33
N GLY B 243 -23.17 13.28 -12.09
CA GLY B 243 -23.98 12.87 -10.97
C GLY B 243 -23.86 11.41 -10.59
N ARG B 244 -23.32 10.55 -11.45
CA ARG B 244 -23.26 9.10 -11.20
C ARG B 244 -21.97 8.77 -10.44
N THR B 245 -22.10 8.21 -9.25
CA THR B 245 -20.92 7.82 -8.48
C THR B 245 -20.17 6.67 -9.17
N PRO B 246 -18.85 6.77 -9.35
CA PRO B 246 -18.08 5.61 -9.84
C PRO B 246 -18.10 4.46 -8.82
N ASP B 247 -18.11 3.23 -9.36
CA ASP B 247 -18.11 2.02 -8.55
C ASP B 247 -16.97 2.01 -7.53
N LEU B 248 -15.76 2.35 -7.98
CA LEU B 248 -14.63 2.31 -7.07
C LEU B 248 -14.82 3.27 -5.89
N LYS B 249 -15.29 4.51 -6.17
CA LYS B 249 -15.50 5.49 -5.11
C LYS B 249 -16.53 4.98 -4.10
N ALA B 250 -17.63 4.40 -4.59
CA ALA B 250 -18.66 3.86 -3.70
C ALA B 250 -18.13 2.72 -2.84
N LEU B 251 -17.37 1.82 -3.45
CA LEU B 251 -16.77 0.70 -2.73
C LEU B 251 -15.81 1.21 -1.66
N LEU B 252 -14.90 2.10 -2.04
CA LEU B 252 -13.93 2.58 -1.05
C LEU B 252 -14.59 3.38 0.05
N ASN B 253 -15.71 4.07 -0.26
CA ASN B 253 -16.44 4.80 0.76
C ASN B 253 -16.96 3.85 1.84
N VAL B 254 -17.50 2.70 1.42
CA VAL B 254 -17.99 1.72 2.40
C VAL B 254 -16.82 1.24 3.28
N VAL B 255 -15.69 0.93 2.65
CA VAL B 255 -14.50 0.49 3.38
C VAL B 255 -14.04 1.57 4.36
N ASP B 256 -14.00 2.82 3.89
CA ASP B 256 -13.48 3.90 4.73
C ASP B 256 -14.42 4.28 5.87
N ASN B 257 -15.71 4.01 5.76
CA ASN B 257 -16.65 4.36 6.81
C ASN B 257 -16.87 3.24 7.82
N ALA B 258 -16.39 2.04 7.53
CA ALA B 258 -16.57 0.94 8.46
C ALA B 258 -15.83 1.23 9.76
N ARG B 259 -16.47 0.94 10.89
CA ARG B 259 -15.79 1.09 12.17
C ARG B 259 -15.71 -0.20 12.98
N SER B 260 -16.28 -1.32 12.49
CA SER B 260 -16.28 -2.54 13.28
CA SER B 260 -16.25 -2.54 13.28
C SER B 260 -15.76 -3.72 12.45
N PHE B 261 -16.42 -4.01 11.32
CA PHE B 261 -15.96 -5.09 10.48
C PHE B 261 -16.23 -4.80 9.01
N ILE B 262 -15.42 -5.43 8.15
CA ILE B 262 -15.64 -5.48 6.71
C ILE B 262 -15.59 -6.94 6.30
N TYR B 263 -16.69 -7.45 5.78
CA TYR B 263 -16.79 -8.83 5.28
C TYR B 263 -16.91 -8.74 3.76
N VAL B 264 -15.95 -9.32 3.04
CA VAL B 264 -15.95 -9.31 1.57
C VAL B 264 -15.94 -10.75 1.06
N ALA B 265 -16.90 -11.07 0.21
CA ALA B 265 -16.93 -12.34 -0.50
C ALA B 265 -16.87 -12.01 -1.99
N VAL B 266 -15.74 -12.32 -2.64
CA VAL B 266 -15.58 -12.01 -4.06
C VAL B 266 -14.80 -13.14 -4.73
N MET B 267 -15.22 -13.51 -5.93
CA MET B 267 -14.56 -14.62 -6.62
C MET B 267 -13.06 -14.41 -6.82
N ASN B 268 -12.63 -13.22 -7.28
CA ASN B 268 -11.23 -12.91 -7.52
C ASN B 268 -10.89 -11.59 -6.84
N TYR B 269 -9.74 -11.54 -6.17
CA TYR B 269 -9.20 -10.31 -5.58
C TYR B 269 -7.75 -10.22 -6.01
N LEU B 270 -7.38 -9.11 -6.67
CA LEU B 270 -6.02 -8.95 -7.15
C LEU B 270 -5.69 -7.47 -7.20
N PRO B 271 -4.72 -6.97 -6.38
CA PRO B 271 -4.40 -5.53 -6.39
C PRO B 271 -3.50 -5.15 -7.57
N THR B 272 -4.01 -5.40 -8.78
CA THR B 272 -3.26 -5.17 -10.01
C THR B 272 -4.22 -4.74 -11.11
N LEU B 273 -3.65 -4.20 -12.19
CA LEU B 273 -4.39 -3.98 -13.43
C LEU B 273 -4.03 -5.18 -14.30
N GLU B 274 -4.87 -6.21 -14.24
CA GLU B 274 -4.50 -7.54 -14.68
C GLU B 274 -4.32 -7.59 -16.20
N PHE B 275 -3.39 -8.46 -16.63
CA PHE B 275 -3.04 -8.69 -18.03
C PHE B 275 -2.51 -7.42 -18.72
N SER B 276 -2.36 -6.33 -17.97
CA SER B 276 -1.58 -5.20 -18.47
C SER B 276 -0.13 -5.63 -18.60
N HIS B 277 0.49 -5.35 -19.74
CA HIS B 277 1.94 -5.39 -19.83
C HIS B 277 2.39 -4.05 -20.41
N PRO B 278 3.26 -3.30 -19.72
CA PRO B 278 3.88 -3.65 -18.43
C PRO B 278 2.87 -3.86 -17.30
N HIS B 279 3.08 -4.93 -16.51
CA HIS B 279 2.30 -5.18 -15.31
C HIS B 279 2.15 -3.89 -14.50
N ARG B 280 0.97 -3.69 -13.90
CA ARG B 280 0.73 -2.48 -13.11
C ARG B 280 0.15 -2.82 -11.75
N PHE B 281 0.85 -2.38 -10.70
CA PHE B 281 0.37 -2.53 -9.32
C PHE B 281 -0.82 -1.60 -9.10
N TRP B 282 -1.81 -2.05 -8.34
CA TRP B 282 -3.06 -1.31 -8.17
C TRP B 282 -3.55 -1.47 -6.75
N PRO B 283 -3.06 -0.66 -5.82
CA PRO B 283 -3.36 -0.86 -4.40
C PRO B 283 -4.59 -0.14 -3.86
N ALA B 284 -5.47 0.38 -4.71
CA ALA B 284 -6.59 1.21 -4.23
C ALA B 284 -7.40 0.50 -3.15
N ILE B 285 -7.89 -0.71 -3.42
CA ILE B 285 -8.68 -1.40 -2.42
C ILE B 285 -7.77 -1.94 -1.33
N ASP B 286 -6.63 -2.51 -1.71
CA ASP B 286 -5.71 -3.14 -0.77
C ASP B 286 -5.33 -2.18 0.35
N ASP B 287 -5.01 -0.94 -0.02
CA ASP B 287 -4.63 0.05 0.98
C ASP B 287 -5.81 0.53 1.80
N GLY B 288 -7.03 0.52 1.23
CA GLY B 288 -8.20 0.86 2.02
C GLY B 288 -8.45 -0.16 3.12
N LEU B 289 -8.25 -1.45 2.81
CA LEU B 289 -8.41 -2.49 3.83
C LEU B 289 -7.30 -2.43 4.88
N ARG B 290 -6.06 -2.18 4.44
CA ARG B 290 -4.97 -2.03 5.41
C ARG B 290 -5.18 -0.82 6.32
N ARG B 291 -5.62 0.30 5.74
CA ARG B 291 -5.92 1.49 6.52
C ARG B 291 -7.05 1.22 7.50
N ALA B 292 -8.09 0.49 7.08
CA ALA B 292 -9.21 0.23 7.98
C ALA B 292 -8.78 -0.59 9.20
N THR B 293 -8.03 -1.67 8.97
CA THR B 293 -7.67 -2.51 10.11
C THR B 293 -6.66 -1.80 11.01
N TYR B 294 -5.72 -1.05 10.43
CA TYR B 294 -4.67 -0.46 11.28
C TYR B 294 -5.15 0.82 11.95
N GLU B 295 -5.82 1.70 11.22
CA GLU B 295 -6.18 2.98 11.83
C GLU B 295 -7.38 2.86 12.73
N ARG B 296 -8.32 1.98 12.39
CA ARG B 296 -9.59 1.96 13.06
C ARG B 296 -9.89 0.63 13.75
N GLY B 297 -8.96 -0.33 13.69
CA GLY B 297 -9.18 -1.60 14.36
C GLY B 297 -10.32 -2.40 13.77
N VAL B 298 -10.61 -2.21 12.49
CA VAL B 298 -11.70 -2.91 11.82
C VAL B 298 -11.30 -4.36 11.54
N LYS B 299 -12.19 -5.29 11.88
CA LYS B 299 -11.95 -6.71 11.59
C LYS B 299 -12.34 -7.02 10.16
N VAL B 300 -11.37 -7.45 9.35
CA VAL B 300 -11.57 -7.67 7.92
C VAL B 300 -11.57 -9.18 7.68
N ARG B 301 -12.61 -9.68 7.01
CA ARG B 301 -12.65 -11.07 6.56
C ARG B 301 -12.87 -11.09 5.05
N LEU B 302 -11.90 -11.64 4.34
CA LEU B 302 -11.91 -11.77 2.88
C LEU B 302 -12.11 -13.23 2.51
N LEU B 303 -13.23 -13.52 1.86
CA LEU B 303 -13.57 -14.88 1.43
C LEU B 303 -13.42 -14.91 -0.09
N ILE B 304 -12.28 -15.43 -0.54
CA ILE B 304 -11.94 -15.45 -1.96
C ILE B 304 -12.23 -16.85 -2.51
N SER B 305 -12.77 -16.91 -3.73
CA SER B 305 -13.02 -18.25 -4.28
C SER B 305 -11.74 -18.84 -4.87
N CYS B 306 -11.74 -20.16 -5.05
CA CYS B 306 -10.60 -20.83 -5.65
C CYS B 306 -11.11 -22.00 -6.49
N TRP B 307 -10.56 -22.13 -7.69
CA TRP B 307 -10.83 -23.28 -8.54
C TRP B 307 -9.63 -23.41 -9.47
N GLY B 308 -9.74 -24.33 -10.43
CA GLY B 308 -8.62 -24.61 -11.31
C GLY B 308 -8.28 -23.47 -12.25
N HIS B 309 -9.17 -22.50 -12.42
CA HIS B 309 -8.87 -21.35 -13.27
C HIS B 309 -8.39 -20.14 -12.48
N SER B 310 -8.25 -20.27 -11.15
CA SER B 310 -7.81 -19.13 -10.35
C SER B 310 -6.42 -18.66 -10.76
N GLU B 311 -6.25 -17.35 -10.90
CA GLU B 311 -4.94 -16.77 -11.21
C GLU B 311 -3.96 -17.02 -10.07
N PRO B 312 -2.87 -17.76 -10.26
CA PRO B 312 -2.04 -18.16 -9.11
C PRO B 312 -1.33 -17.00 -8.44
N SER B 313 -1.19 -15.86 -9.11
CA SER B 313 -0.51 -14.75 -8.48
C SER B 313 -1.33 -14.15 -7.35
N MET B 314 -2.60 -14.53 -7.21
CA MET B 314 -3.39 -14.01 -6.09
C MET B 314 -2.86 -14.49 -4.75
N ARG B 315 -2.23 -15.66 -4.72
CA ARG B 315 -1.86 -16.25 -3.43
C ARG B 315 -0.91 -15.33 -2.65
N ALA B 316 0.15 -14.83 -3.29
CA ALA B 316 1.10 -13.99 -2.58
C ALA B 316 0.44 -12.74 -2.01
N PHE B 317 -0.45 -12.11 -2.78
CA PHE B 317 -1.14 -10.90 -2.30
C PHE B 317 -2.10 -11.21 -1.17
N LEU B 318 -2.74 -12.39 -1.19
CA LEU B 318 -3.62 -12.75 -0.08
C LEU B 318 -2.82 -13.08 1.18
N LEU B 319 -1.73 -13.83 1.04
CA LEU B 319 -0.85 -14.06 2.18
C LEU B 319 -0.34 -12.75 2.75
N SER B 320 -0.09 -11.77 1.88
CA SER B 320 0.45 -10.49 2.35
C SER B 320 -0.55 -9.76 3.24
N LEU B 321 -1.84 -9.85 2.91
CA LEU B 321 -2.88 -9.28 3.77
C LEU B 321 -3.05 -10.09 5.04
N ALA B 322 -3.03 -11.42 4.94
CA ALA B 322 -3.17 -12.28 6.10
C ALA B 322 -2.07 -12.04 7.12
N ALA B 323 -0.92 -11.52 6.70
CA ALA B 323 0.17 -11.32 7.66
C ALA B 323 -0.12 -10.18 8.63
N LEU B 324 -1.11 -9.34 8.34
CA LEU B 324 -1.46 -8.18 9.15
C LEU B 324 -2.49 -8.57 10.22
N ARG B 325 -2.11 -9.54 11.02
CA ARG B 325 -2.91 -9.92 12.17
C ARG B 325 -1.98 -9.87 13.37
N ASP B 326 -2.29 -9.01 14.32
CA ASP B 326 -1.35 -8.66 15.38
C ASP B 326 -2.18 -8.29 16.61
N ASN B 327 -2.04 -9.07 17.68
CA ASN B 327 -2.88 -8.90 18.88
C ASN B 327 -2.87 -7.47 19.39
N HIS B 328 -1.71 -6.82 19.39
CA HIS B 328 -1.51 -5.56 20.11
C HIS B 328 -1.79 -4.32 19.26
N THR B 329 -1.56 -4.37 17.95
CA THR B 329 -2.05 -3.27 17.11
C THR B 329 -3.55 -3.32 16.93
N HIS B 330 -4.19 -4.43 17.30
CA HIS B 330 -5.58 -4.72 16.95
C HIS B 330 -5.80 -4.72 15.44
N SER B 331 -4.73 -4.94 14.67
CA SER B 331 -4.89 -5.26 13.26
C SER B 331 -5.40 -6.70 13.16
N ASP B 332 -6.39 -6.90 12.30
CA ASP B 332 -7.04 -8.20 12.29
C ASP B 332 -7.68 -8.46 10.94
N ILE B 333 -6.85 -8.86 9.97
CA ILE B 333 -7.33 -9.28 8.66
C ILE B 333 -7.18 -10.80 8.56
N GLN B 334 -8.24 -11.47 8.10
CA GLN B 334 -8.24 -12.92 7.90
C GLN B 334 -8.72 -13.22 6.48
N VAL B 335 -8.12 -14.26 5.89
CA VAL B 335 -8.43 -14.68 4.53
C VAL B 335 -8.76 -16.16 4.56
N LYS B 336 -9.83 -16.55 3.88
CA LYS B 336 -10.13 -17.96 3.61
C LYS B 336 -10.48 -18.11 2.14
N LEU B 337 -10.33 -19.34 1.65
CA LEU B 337 -10.70 -19.68 0.27
C LEU B 337 -11.92 -20.58 0.27
N PHE B 338 -12.93 -20.18 -0.50
CA PHE B 338 -14.15 -20.95 -0.66
C PHE B 338 -14.01 -21.82 -1.90
N VAL B 339 -14.10 -23.13 -1.72
CA VAL B 339 -13.95 -24.10 -2.80
C VAL B 339 -15.24 -24.91 -2.92
N VAL B 340 -15.86 -24.89 -4.10
CA VAL B 340 -17.03 -25.75 -4.36
C VAL B 340 -16.52 -27.11 -4.78
N PRO B 341 -16.88 -28.22 -4.10
CA PRO B 341 -16.38 -29.53 -4.51
C PRO B 341 -16.85 -29.90 -5.90
N ALA B 342 -16.08 -30.76 -6.55
CA ALA B 342 -16.44 -31.31 -7.87
C ALA B 342 -15.94 -32.74 -7.97
N ASP B 343 -16.86 -33.69 -8.19
CA ASP B 343 -16.43 -35.04 -8.54
C ASP B 343 -16.09 -35.09 -10.03
N GLU B 344 -15.76 -36.28 -10.53
CA GLU B 344 -15.31 -36.39 -11.91
C GLU B 344 -16.39 -36.03 -12.92
N ALA B 345 -17.67 -36.29 -12.60
CA ALA B 345 -18.74 -35.91 -13.51
C ALA B 345 -18.94 -34.40 -13.51
N GLN B 346 -19.01 -33.81 -12.32
CA GLN B 346 -19.16 -32.36 -12.19
C GLN B 346 -17.99 -31.63 -12.83
N ALA B 347 -16.79 -32.21 -12.79
CA ALA B 347 -15.60 -31.53 -13.30
C ALA B 347 -15.56 -31.52 -14.82
N ARG B 348 -16.34 -32.37 -15.47
CA ARG B 348 -16.42 -32.38 -16.92
C ARG B 348 -17.26 -31.23 -17.46
N ILE B 349 -18.06 -30.58 -16.62
CA ILE B 349 -18.83 -29.41 -17.06
C ILE B 349 -17.88 -28.23 -17.19
N PRO B 350 -17.81 -27.57 -18.34
CA PRO B 350 -16.83 -26.47 -18.49
C PRO B 350 -17.21 -25.28 -17.62
N TYR B 351 -16.19 -24.72 -16.96
CA TYR B 351 -16.31 -23.43 -16.25
C TYR B 351 -17.45 -23.42 -15.25
N ALA B 352 -17.41 -24.40 -14.33
CA ALA B 352 -18.43 -24.57 -13.30
C ALA B 352 -17.77 -24.92 -11.97
N ARG B 353 -18.59 -25.07 -10.94
CA ARG B 353 -18.17 -25.49 -9.59
C ARG B 353 -17.23 -24.46 -8.97
N VAL B 354 -17.74 -23.23 -8.84
CA VAL B 354 -17.00 -22.12 -8.24
C VAL B 354 -18.01 -21.13 -7.67
N ASN B 355 -17.57 -20.36 -6.68
CA ASN B 355 -18.42 -19.38 -6.01
C ASN B 355 -18.24 -18.03 -6.68
N HIS B 356 -19.33 -17.50 -7.23
CA HIS B 356 -19.31 -16.30 -8.06
CA HIS B 356 -19.29 -16.30 -8.07
C HIS B 356 -19.66 -15.02 -7.33
N ASN B 357 -19.97 -15.09 -6.03
CA ASN B 357 -20.46 -13.91 -5.35
C ASN B 357 -19.47 -12.74 -5.45
N LYS B 358 -20.00 -11.51 -5.42
CA LYS B 358 -19.18 -10.28 -5.34
C LYS B 358 -19.97 -9.31 -4.46
N TYR B 359 -19.72 -9.32 -3.16
CA TYR B 359 -20.43 -8.38 -2.31
C TYR B 359 -19.57 -8.05 -1.10
N MET B 360 -19.98 -6.98 -0.40
CA MET B 360 -19.29 -6.53 0.80
C MET B 360 -20.37 -6.12 1.79
N VAL B 361 -20.18 -6.47 3.06
CA VAL B 361 -21.10 -6.00 4.10
C VAL B 361 -20.28 -5.57 5.30
N THR B 362 -20.66 -4.44 5.90
CA THR B 362 -20.03 -3.97 7.12
C THR B 362 -21.07 -3.91 8.22
N GLU B 363 -20.69 -3.34 9.37
CA GLU B 363 -21.70 -3.23 10.42
C GLU B 363 -22.75 -2.17 10.09
N ARG B 364 -22.54 -1.35 9.05
CA ARG B 364 -23.50 -0.31 8.73
C ARG B 364 -23.92 -0.24 7.27
N ALA B 365 -23.33 -1.00 6.36
CA ALA B 365 -23.60 -0.78 4.94
C ALA B 365 -23.65 -2.09 4.17
N THR B 366 -24.40 -2.05 3.06
CA THR B 366 -24.49 -3.14 2.10
C THR B 366 -23.90 -2.68 0.76
N TYR B 367 -23.06 -3.53 0.15
CA TYR B 367 -22.54 -3.32 -1.20
C TYR B 367 -22.73 -4.61 -2.00
N ILE B 368 -23.54 -4.56 -3.07
CA ILE B 368 -23.73 -5.73 -3.93
C ILE B 368 -23.33 -5.36 -5.35
N GLY B 369 -22.35 -6.07 -5.92
CA GLY B 369 -21.77 -5.70 -7.20
C GLY B 369 -21.78 -6.81 -8.24
N THR B 370 -21.33 -6.42 -9.43
CA THR B 370 -21.15 -7.35 -10.54
C THR B 370 -19.68 -7.62 -10.86
N SER B 371 -18.75 -6.85 -10.29
CA SER B 371 -17.34 -6.91 -10.67
C SER B 371 -16.51 -7.68 -9.64
N ASN B 372 -15.51 -8.40 -10.15
CA ASN B 372 -14.45 -8.90 -9.28
C ASN B 372 -13.52 -7.74 -8.89
N TRP B 373 -12.70 -7.98 -7.88
CA TRP B 373 -11.96 -6.88 -7.24
C TRP B 373 -10.52 -6.83 -7.74
N SER B 374 -10.37 -6.42 -9.00
CA SER B 374 -9.08 -6.04 -9.55
C SER B 374 -9.29 -4.80 -10.42
N GLY B 375 -8.17 -4.19 -10.83
CA GLY B 375 -8.23 -2.80 -11.26
C GLY B 375 -8.99 -2.58 -12.57
N ASN B 376 -8.89 -3.53 -13.49
CA ASN B 376 -9.53 -3.34 -14.80
C ASN B 376 -11.03 -3.19 -14.66
N TYR B 377 -11.62 -3.78 -13.61
CA TYR B 377 -13.06 -3.69 -13.41
C TYR B 377 -13.52 -2.29 -13.05
N PHE B 378 -12.61 -1.42 -12.63
CA PHE B 378 -12.98 -0.10 -12.19
C PHE B 378 -12.45 0.99 -13.09
N THR B 379 -11.56 0.64 -14.01
CA THR B 379 -10.99 1.59 -14.97
C THR B 379 -11.48 1.39 -16.40
N GLU B 380 -11.83 0.15 -16.80
CA GLU B 380 -12.04 -0.16 -18.22
C GLU B 380 -13.32 -0.95 -18.49
N THR B 381 -13.72 -1.79 -17.55
CA THR B 381 -14.82 -2.73 -17.73
C THR B 381 -16.11 -2.20 -17.10
N ALA B 382 -17.23 -2.57 -17.69
CA ALA B 382 -18.53 -2.13 -17.21
C ALA B 382 -18.94 -2.92 -15.98
N GLY B 383 -19.52 -2.23 -15.00
CA GLY B 383 -20.08 -2.91 -13.84
C GLY B 383 -21.05 -1.98 -13.15
N THR B 384 -21.78 -2.54 -12.20
CA THR B 384 -22.78 -1.79 -11.46
C THR B 384 -22.85 -2.34 -10.04
N SER B 385 -23.06 -1.47 -9.07
CA SER B 385 -23.25 -1.92 -7.70
C SER B 385 -24.37 -1.15 -7.04
N LEU B 386 -25.03 -1.83 -6.10
CA LEU B 386 -26.09 -1.27 -5.28
C LEU B 386 -25.55 -1.01 -3.88
N LEU B 387 -25.73 0.21 -3.39
CA LEU B 387 -25.24 0.66 -2.10
C LEU B 387 -26.44 1.00 -1.25
N VAL B 388 -26.58 0.35 -0.10
CA VAL B 388 -27.70 0.60 0.79
C VAL B 388 -27.17 0.81 2.20
N THR B 389 -27.71 1.83 2.88
CA THR B 389 -27.60 1.96 4.33
C THR B 389 -29.00 2.10 4.89
N GLN B 390 -29.19 1.59 6.11
CA GLN B 390 -30.52 1.54 6.70
C GLN B 390 -30.39 1.44 8.21
N ASN B 391 -30.93 2.42 8.92
CA ASN B 391 -30.89 2.39 10.38
C ASN B 391 -31.74 1.24 10.89
N GLY B 392 -31.23 0.58 11.92
CA GLY B 392 -31.99 -0.47 12.55
C GLY B 392 -31.26 -1.79 12.54
N ARG B 393 -31.69 -2.70 13.40
CA ARG B 393 -31.21 -4.06 13.37
C ARG B 393 -31.99 -4.85 12.34
N GLY B 394 -31.48 -6.02 12.01
CA GLY B 394 -32.16 -6.76 11.00
C GLY B 394 -31.94 -6.14 9.63
N GLY B 395 -32.86 -6.47 8.73
CA GLY B 395 -32.85 -5.90 7.41
C GLY B 395 -31.95 -6.64 6.44
N LEU B 396 -31.93 -6.08 5.24
CA LEU B 396 -31.06 -6.54 4.17
C LEU B 396 -29.61 -6.70 4.64
N ARG B 397 -29.08 -5.71 5.36
CA ARG B 397 -27.68 -5.79 5.80
C ARG B 397 -27.42 -7.04 6.63
N SER B 398 -28.25 -7.28 7.64
CA SER B 398 -28.02 -8.46 8.49
C SER B 398 -28.27 -9.75 7.73
N GLN B 399 -29.19 -9.75 6.75
CA GLN B 399 -29.39 -10.95 5.95
C GLN B 399 -28.14 -11.28 5.14
N LEU B 400 -27.50 -10.25 4.57
CA LEU B 400 -26.28 -10.48 3.79
C LEU B 400 -25.13 -10.88 4.70
N GLU B 401 -25.05 -10.29 5.90
CA GLU B 401 -24.05 -10.72 6.86
C GLU B 401 -24.26 -12.17 7.26
N ALA B 402 -25.52 -12.59 7.42
CA ALA B 402 -25.79 -13.98 7.79
C ALA B 402 -25.33 -14.94 6.70
N ILE B 403 -25.54 -14.56 5.43
CA ILE B 403 -25.04 -15.39 4.33
C ILE B 403 -23.53 -15.49 4.38
N PHE B 404 -22.86 -14.36 4.61
CA PHE B 404 -21.41 -14.39 4.65
C PHE B 404 -20.91 -15.34 5.73
N LEU B 405 -21.50 -15.27 6.92
CA LEU B 405 -20.98 -16.09 8.02
C LEU B 405 -21.31 -17.55 7.80
N ARG B 406 -22.48 -17.85 7.21
CA ARG B 406 -22.75 -19.23 6.83
C ARG B 406 -21.62 -19.78 5.96
N ASP B 407 -21.27 -19.04 4.91
CA ASP B 407 -20.22 -19.49 4.00
C ASP B 407 -18.88 -19.54 4.72
N TRP B 408 -18.56 -18.49 5.47
CA TRP B 408 -17.27 -18.40 6.14
C TRP B 408 -17.06 -19.58 7.10
N ASP B 409 -18.11 -19.97 7.82
CA ASP B 409 -18.04 -21.01 8.83
C ASP B 409 -18.19 -22.41 8.25
N SER B 410 -18.48 -22.54 6.96
CA SER B 410 -18.82 -23.85 6.42
C SER B 410 -17.56 -24.69 6.15
N PRO B 411 -17.70 -26.00 5.95
CA PRO B 411 -16.52 -26.81 5.59
C PRO B 411 -15.98 -26.53 4.20
N TYR B 412 -16.59 -25.63 3.42
CA TYR B 412 -16.08 -25.26 2.10
C TYR B 412 -15.10 -24.11 2.14
N SER B 413 -14.92 -23.47 3.29
CA SER B 413 -13.98 -22.36 3.44
C SER B 413 -12.70 -22.87 4.13
N HIS B 414 -11.55 -22.46 3.61
CA HIS B 414 -10.27 -23.03 4.04
C HIS B 414 -9.22 -21.95 4.26
N ASP B 415 -8.43 -22.10 5.33
CA ASP B 415 -7.28 -21.25 5.55
C ASP B 415 -6.26 -21.44 4.44
N LEU B 416 -5.40 -20.43 4.24
CA LEU B 416 -4.41 -20.47 3.16
C LEU B 416 -3.32 -21.53 3.35
N ASP B 417 -3.18 -22.10 4.56
CA ASP B 417 -2.24 -23.20 4.77
C ASP B 417 -2.88 -24.57 4.60
N THR B 418 -4.10 -24.64 4.09
CA THR B 418 -4.76 -25.92 3.85
C THR B 418 -4.08 -26.68 2.71
N SER B 419 -4.02 -28.01 2.83
CA SER B 419 -3.48 -28.80 1.72
C SER B 419 -4.39 -28.70 0.51
N ALA B 420 -3.78 -28.56 -0.67
CA ALA B 420 -4.56 -28.58 -1.91
C ALA B 420 -5.17 -29.96 -2.19
N ASP B 421 -4.74 -31.00 -1.48
CA ASP B 421 -5.38 -32.30 -1.64
C ASP B 421 -6.72 -32.40 -0.94
N SER B 422 -7.07 -31.43 -0.10
CA SER B 422 -8.09 -31.66 0.92
C SER B 422 -9.27 -30.71 0.81
N VAL B 423 -9.54 -30.11 -0.35
CA VAL B 423 -10.59 -29.12 -0.46
C VAL B 423 -11.71 -29.52 -1.40
N GLY B 424 -11.64 -30.70 -2.03
CA GLY B 424 -12.77 -31.23 -2.79
C GLY B 424 -12.82 -30.88 -4.26
N ASN B 425 -11.85 -30.13 -4.77
CA ASN B 425 -11.82 -29.62 -6.14
C ASN B 425 -10.39 -29.14 -6.37
N ALA B 426 -10.03 -28.90 -7.63
CA ALA B 426 -8.74 -28.28 -7.92
C ALA B 426 -8.72 -26.85 -7.36
N CYS B 427 -7.60 -26.46 -6.74
CA CYS B 427 -7.47 -25.10 -6.24
C CYS B 427 -6.03 -24.62 -6.42
N ARG B 428 -5.83 -23.58 -7.23
CA ARG B 428 -4.48 -23.13 -7.57
C ARG B 428 -3.84 -22.22 -6.52
N LEU B 429 -4.60 -21.76 -5.54
CA LEU B 429 -4.11 -20.80 -4.55
C LEU B 429 -3.63 -21.47 -3.28
N LEU B 430 -3.54 -22.80 -3.27
CA LEU B 430 -3.07 -23.55 -2.11
C LEU B 430 -1.81 -24.31 -2.46
N ALA B 431 -0.91 -24.43 -1.48
CA ALA B 431 0.44 -24.93 -1.73
C ALA B 431 0.52 -26.46 -1.84
N ALA B 432 -0.36 -27.21 -1.19
CA ALA B 432 -0.25 -28.68 -1.12
C ALA B 432 1.10 -29.14 -0.56
#